data_8U02
#
_entry.id   8U02
#
_cell.length_a   1.00
_cell.length_b   1.00
_cell.length_c   1.00
_cell.angle_alpha   90.00
_cell.angle_beta   90.00
_cell.angle_gamma   90.00
#
_symmetry.space_group_name_H-M   'P 1'
#
loop_
_entity.id
_entity.type
_entity.pdbx_description
1 polymer 'D(2) dopamine receptor'
2 polymer 'Guanine nucleotide-binding protein G(o) subunit alpha'
3 polymer 'Guanine nucleotide-binding protein G(I)/G(S)/G(T) subunit beta-1'
4 polymer 'Guanine nucleotide-binding protein G(I)/G(S)/G(O) subunit gamma-2'
5 non-polymer L-DOPAMINE
#
loop_
_entity_poly.entity_id
_entity_poly.type
_entity_poly.pdbx_seq_one_letter_code
_entity_poly.pdbx_strand_id
1 'polypeptide(L)'
;MDPLNLSWYDDDLERQNWSRPFNGSDGKADRPHYNYYATLLTLLIAVIVFGNVLVCMAVSREKALQTTTNYLIVSLAVAD
LLVATLVMPWVVYLEVVGEWKFSRIHCDIFVTLDVMMCTASILNLCAISIDRYTAVAMPMLYNTRYSSKRRVTVMISIVW
VLSFTISCPLLFGLNNADQNECIIANPAFVVYSSIVSFYVPFIVTLLVYIKIYIVLRRRRKRVNTKRSSRAFRAHLRAPL
KGNCTHPEDMKLCTVIMKSNGSFPVNRRRVEAARRAQELEMEMLSSTSPPERTRYSPIPPSHHQLTLPDPSHHGLHSTPD
SPAKPEKNGHAKDHPKIAKIFEIQTMPNGKTRTSLKTMSRRKLSQQKEKKATQMLAIVLGVFIICWLPFFITHILNIHCD
CNIPPVLYSAFTWLGYVNSAVNPIIYTTFNIEFRKAFLKILHC
;
R
2 'polypeptide(L)'
;MGCTLSAEERAALERSKAIEKNLKEDGISAAKDVKLLLLGAGESGESTIVKQMKIIHEDGFSGEDVKQYKPVVYSNTIQS
LAAIVRAMDTLGIEYGDKERKADAKMVCDVVSRMEDTEPFSAELLSAMMRLWGDSGIQECFNRSREYQLNDSAKYYLDSL
DRIGAADYQPTEQDILRTRVKTTGIVETHFTFKNLHFRLFDVGGQRSERKKWIHCFEDVTAIIFCVALSGYDQVLHEDET
TNRMHESLMLFDSICNNKFFIDTSIILFLNKKDLFGEKIKKSPLTICFPEYTGPNTYEDAAAYIQAQFESKNRSPNKEIY
CHMTCATDTNNIQVVFDAVTDIIIANNLRGCGLY
;
B
3 'polypeptide(L)'
;MHHHHHHLEVLFQGPGSSGSELDQLRQEAEQLKNQIRDARKACADATLSQITNNIDPVGRIQMRTRRTLRGHLAKIYAMH
WGTDSRLLVSASQDGKLIIWDSYTTNKVHAIPLRSSWVMTCAYAPSGNYVACGGLDNICSIYNLKTREGNVRVSRELAGH
TGYLSCCRFLDDNQIVTSSGDTTCALWDIETGQQTTTFTGHTGDVMSLSLAPDTRLFVSGACDASAKLWDVREGMCRQTF
TGHESDINAICFFPNGNAFATGSDDATCRLFDLRADQELMTYSHDNIICGITSVSFSKSGRLLLAGYDDFNCNVWDALKA
DRAGVLAGHDNRVSCLGVTDDGMAVATGSWDSFLKIWN
;
A
4 'polypeptide(L)' MASNNTASIAQARKLVEQLKMEANIDRIKVSKAAADLMAYCEAHAKEDPLLTPVPASENPFREKKFFCAIL C
#
# COMPACT_ATOMS: atom_id res chain seq x y z
N TYR A 36 12.78 37.74 -47.03
CA TYR A 36 11.64 37.03 -47.59
C TYR A 36 11.85 35.51 -47.60
N TYR A 37 13.02 35.08 -47.12
CA TYR A 37 13.34 33.67 -46.93
C TYR A 37 13.31 33.28 -45.45
N ALA A 38 12.75 34.16 -44.62
CA ALA A 38 12.58 33.89 -43.19
C ALA A 38 11.64 32.73 -42.96
N THR A 39 10.77 32.44 -43.93
CA THR A 39 9.77 31.41 -43.77
C THR A 39 10.40 30.04 -43.72
N LEU A 40 11.69 29.93 -44.06
CA LEU A 40 12.35 28.66 -43.99
C LEU A 40 12.60 28.28 -42.54
N LEU A 41 12.40 29.22 -41.62
CA LEU A 41 12.52 28.96 -40.20
C LEU A 41 11.21 28.43 -39.64
N THR A 42 10.17 28.34 -40.49
CA THR A 42 8.87 27.87 -40.03
C THR A 42 8.96 26.48 -39.44
N LEU A 43 9.76 25.61 -40.05
CA LEU A 43 9.87 24.25 -39.54
C LEU A 43 10.50 24.24 -38.17
N LEU A 44 11.35 25.23 -37.88
CA LEU A 44 11.97 25.24 -36.56
C LEU A 44 10.89 25.47 -35.52
N ILE A 45 9.97 26.38 -35.82
CA ILE A 45 8.90 26.66 -34.89
C ILE A 45 8.07 25.40 -34.74
N ALA A 46 7.75 24.78 -35.88
CA ALA A 46 6.94 23.58 -35.87
C ALA A 46 7.63 22.49 -35.08
N VAL A 47 8.94 22.38 -35.23
CA VAL A 47 9.64 21.35 -34.47
C VAL A 47 9.67 21.68 -32.99
N ILE A 48 9.93 22.95 -32.64
CA ILE A 48 10.03 23.29 -31.22
C ILE A 48 8.72 23.02 -30.52
N VAL A 49 7.62 23.46 -31.11
CA VAL A 49 6.34 23.23 -30.46
C VAL A 49 6.02 21.75 -30.40
N PHE A 50 6.21 21.04 -31.52
CA PHE A 50 5.82 19.63 -31.55
C PHE A 50 6.52 18.82 -30.49
N GLY A 51 7.84 18.91 -30.42
CA GLY A 51 8.53 18.09 -29.44
C GLY A 51 8.12 18.47 -28.02
N ASN A 52 7.95 19.77 -27.79
CA ASN A 52 7.65 20.18 -26.44
C ASN A 52 6.22 19.87 -26.07
N VAL A 53 5.30 19.83 -27.04
CA VAL A 53 3.96 19.46 -26.61
C VAL A 53 3.95 17.99 -26.25
N LEU A 54 4.74 17.17 -26.95
CA LEU A 54 4.76 15.78 -26.58
C LEU A 54 5.23 15.61 -25.15
N VAL A 55 6.21 16.41 -24.75
CA VAL A 55 6.72 16.31 -23.38
C VAL A 55 5.61 16.65 -22.41
N CYS A 56 4.90 17.75 -22.69
CA CYS A 56 3.85 18.15 -21.77
C CYS A 56 2.77 17.08 -21.71
N MET A 57 2.43 16.52 -22.86
CA MET A 57 1.41 15.49 -22.85
C MET A 57 1.93 14.23 -22.21
N ALA A 58 3.22 13.94 -22.41
CA ALA A 58 3.78 12.73 -21.81
C ALA A 58 3.60 12.78 -20.31
N VAL A 59 3.73 13.97 -19.72
CA VAL A 59 3.49 14.07 -18.29
C VAL A 59 2.00 14.19 -18.01
N SER A 60 1.30 15.07 -18.73
CA SER A 60 -0.11 15.30 -18.42
C SER A 60 -1.00 14.10 -18.71
N ARG A 61 -0.59 13.19 -19.60
CA ARG A 61 -1.40 12.01 -19.89
C ARG A 61 -0.93 10.77 -19.14
N GLU A 62 0.05 10.90 -18.26
CA GLU A 62 0.62 9.73 -17.60
C GLU A 62 0.81 10.03 -16.11
N LYS A 63 0.79 8.97 -15.30
CA LYS A 63 1.02 9.09 -13.88
C LYS A 63 2.34 8.47 -13.46
N ALA A 64 2.90 7.58 -14.27
CA ALA A 64 4.21 7.02 -13.96
C ALA A 64 5.25 8.14 -13.96
N LEU A 65 5.08 9.11 -14.86
CA LEU A 65 5.98 10.25 -15.02
C LEU A 65 5.59 11.39 -14.08
N GLN A 66 5.63 11.12 -12.78
CA GLN A 66 5.27 12.14 -11.78
C GLN A 66 6.42 12.22 -10.78
N THR A 67 7.48 12.91 -11.19
CA THR A 67 8.72 13.04 -10.44
C THR A 67 9.15 14.49 -10.46
N THR A 68 10.17 14.82 -9.65
CA THR A 68 10.67 16.19 -9.64
C THR A 68 11.35 16.53 -10.96
N THR A 69 12.03 15.55 -11.55
CA THR A 69 12.71 15.78 -12.80
C THR A 69 11.71 15.96 -13.91
N ASN A 70 10.59 15.25 -13.83
CA ASN A 70 9.59 15.39 -14.89
C ASN A 70 8.90 16.74 -14.78
N TYR A 71 8.75 17.27 -13.58
CA TYR A 71 8.13 18.58 -13.43
C TYR A 71 9.05 19.66 -13.95
N LEU A 72 10.36 19.53 -13.68
CA LEU A 72 11.31 20.52 -14.20
C LEU A 72 11.40 20.40 -15.73
N ILE A 73 11.32 19.18 -16.26
CA ILE A 73 11.36 18.98 -17.70
C ILE A 73 10.14 19.64 -18.34
N VAL A 74 8.97 19.49 -17.72
CA VAL A 74 7.79 20.15 -18.25
C VAL A 74 7.96 21.66 -18.21
N SER A 75 8.52 22.20 -17.12
CA SER A 75 8.75 23.64 -17.07
C SER A 75 9.64 24.07 -18.22
N LEU A 76 10.66 23.28 -18.52
CA LEU A 76 11.55 23.57 -19.65
C LEU A 76 10.76 23.55 -20.95
N ALA A 77 9.92 22.52 -21.12
CA ALA A 77 9.11 22.41 -22.32
C ALA A 77 8.20 23.61 -22.48
N VAL A 78 7.68 24.13 -21.35
CA VAL A 78 6.82 25.30 -21.40
C VAL A 78 7.61 26.51 -21.85
N ALA A 79 8.81 26.70 -21.31
CA ALA A 79 9.63 27.83 -21.73
C ALA A 79 9.91 27.76 -23.23
N ASP A 80 10.12 26.55 -23.75
CA ASP A 80 10.39 26.39 -25.17
C ASP A 80 9.14 26.62 -26.01
N LEU A 81 7.98 26.17 -25.52
CA LEU A 81 6.73 26.41 -26.23
C LEU A 81 6.43 27.90 -26.28
N LEU A 82 6.73 28.61 -25.20
CA LEU A 82 6.43 30.03 -25.17
C LEU A 82 7.38 30.81 -26.06
N VAL A 83 8.65 30.40 -26.14
CA VAL A 83 9.53 31.15 -27.04
C VAL A 83 9.14 30.87 -28.49
N ALA A 84 8.79 29.62 -28.81
CA ALA A 84 8.39 29.28 -30.18
C ALA A 84 7.08 29.95 -30.59
N THR A 85 6.14 30.11 -29.65
CA THR A 85 4.84 30.70 -29.95
C THR A 85 4.82 32.23 -29.91
N LEU A 86 5.45 32.82 -28.90
CA LEU A 86 5.36 34.25 -28.66
C LEU A 86 6.49 35.06 -29.28
N VAL A 87 7.65 34.46 -29.50
CA VAL A 87 8.81 35.19 -29.98
C VAL A 87 9.16 34.80 -31.42
N MET A 88 9.27 33.50 -31.70
CA MET A 88 9.74 33.07 -33.02
C MET A 88 8.92 33.59 -34.21
N PRO A 89 7.59 33.68 -34.15
CA PRO A 89 6.88 34.24 -35.31
C PRO A 89 7.26 35.67 -35.61
N TRP A 90 7.73 36.41 -34.61
CA TRP A 90 8.09 37.80 -34.83
C TRP A 90 9.54 37.88 -35.27
N VAL A 91 10.33 36.88 -34.90
CA VAL A 91 11.68 36.77 -35.43
C VAL A 91 11.58 36.55 -36.92
N VAL A 92 10.62 35.70 -37.32
CA VAL A 92 10.39 35.46 -38.74
C VAL A 92 9.91 36.73 -39.41
N TYR A 93 8.93 37.42 -38.81
CA TYR A 93 8.44 38.67 -39.43
C TYR A 93 9.57 39.66 -39.64
N LEU A 94 10.46 39.79 -38.66
CA LEU A 94 11.57 40.74 -38.78
C LEU A 94 12.59 40.28 -39.81
N GLU A 95 12.83 38.98 -39.91
CA GLU A 95 13.74 38.51 -40.94
C GLU A 95 13.15 38.69 -42.34
N VAL A 96 11.82 38.57 -42.49
CA VAL A 96 11.20 38.73 -43.80
C VAL A 96 11.43 40.15 -44.30
N VAL A 97 11.13 41.13 -43.46
CA VAL A 97 11.36 42.54 -43.75
C VAL A 97 12.25 43.09 -42.66
N GLY A 98 13.45 43.53 -43.04
CA GLY A 98 14.41 43.97 -42.05
C GLY A 98 13.95 45.19 -41.28
N GLU A 99 12.93 45.87 -41.78
CA GLU A 99 12.36 47.02 -41.11
C GLU A 99 11.20 46.57 -40.25
N TRP A 100 11.23 46.91 -38.96
CA TRP A 100 10.19 46.55 -38.01
C TRP A 100 8.97 47.45 -38.26
N LYS A 101 8.19 47.07 -39.27
CA LYS A 101 7.02 47.86 -39.68
C LYS A 101 5.83 47.49 -38.79
N PHE A 102 5.98 47.81 -37.51
CA PHE A 102 5.01 47.48 -36.48
C PHE A 102 5.14 48.55 -35.40
N SER A 103 4.33 48.45 -34.35
CA SER A 103 4.40 49.48 -33.33
C SER A 103 5.67 49.33 -32.49
N ARG A 104 6.05 50.41 -31.81
CA ARG A 104 7.21 50.38 -30.93
C ARG A 104 6.92 49.57 -29.67
N ILE A 105 5.69 49.65 -29.17
CA ILE A 105 5.33 48.89 -27.97
C ILE A 105 5.40 47.41 -28.27
N HIS A 106 4.87 47.01 -29.43
CA HIS A 106 4.91 45.61 -29.80
C HIS A 106 6.34 45.10 -29.81
N CYS A 107 7.29 45.89 -30.34
CA CYS A 107 8.68 45.45 -30.32
C CYS A 107 9.21 45.35 -28.90
N ASP A 108 8.90 46.34 -28.05
CA ASP A 108 9.44 46.28 -26.70
C ASP A 108 8.96 44.99 -26.02
N ILE A 109 7.71 44.61 -26.28
CA ILE A 109 7.14 43.38 -25.73
C ILE A 109 7.85 42.17 -26.32
N PHE A 110 8.03 42.16 -27.63
CA PHE A 110 8.72 41.08 -28.33
C PHE A 110 10.11 40.85 -27.77
N VAL A 111 10.89 41.93 -27.63
CA VAL A 111 12.25 41.84 -27.12
C VAL A 111 12.25 41.32 -25.69
N THR A 112 11.32 41.84 -24.87
CA THR A 112 11.26 41.39 -23.48
C THR A 112 10.94 39.91 -23.40
N LEU A 113 9.97 39.45 -24.20
CA LEU A 113 9.63 38.04 -24.16
C LEU A 113 10.78 37.18 -24.68
N ASP A 114 11.49 37.65 -25.72
CA ASP A 114 12.62 36.89 -26.24
C ASP A 114 13.64 36.61 -25.15
N VAL A 115 13.97 37.66 -24.39
CA VAL A 115 14.95 37.49 -23.31
C VAL A 115 14.37 36.64 -22.19
N MET A 116 13.14 36.93 -21.79
CA MET A 116 12.54 36.21 -20.67
C MET A 116 12.47 34.72 -20.96
N MET A 117 12.06 34.33 -22.16
CA MET A 117 11.88 32.92 -22.45
C MET A 117 13.21 32.21 -22.63
N CYS A 118 14.19 32.87 -23.26
CA CYS A 118 15.48 32.18 -23.41
C CYS A 118 16.13 32.00 -22.04
N THR A 119 16.00 33.01 -21.18
CA THR A 119 16.57 32.93 -19.85
C THR A 119 15.89 31.83 -19.07
N ALA A 120 14.56 31.75 -19.17
CA ALA A 120 13.83 30.71 -18.45
C ALA A 120 14.27 29.33 -18.91
N SER A 121 14.51 29.15 -20.21
CA SER A 121 14.95 27.83 -20.67
C SER A 121 16.31 27.47 -20.07
N ILE A 122 17.24 28.42 -20.07
CA ILE A 122 18.56 28.14 -19.51
C ILE A 122 18.46 27.84 -18.02
N LEU A 123 17.68 28.64 -17.30
CA LEU A 123 17.54 28.43 -15.87
C LEU A 123 16.84 27.12 -15.57
N ASN A 124 15.96 26.65 -16.46
CA ASN A 124 15.36 25.35 -16.23
C ASN A 124 16.41 24.27 -16.41
N LEU A 125 17.39 24.51 -17.29
CA LEU A 125 18.43 23.51 -17.45
C LEU A 125 19.25 23.44 -16.16
N CYS A 126 19.48 24.61 -15.56
CA CYS A 126 20.22 24.65 -14.29
C CYS A 126 19.45 23.91 -13.20
N ALA A 127 18.13 24.13 -13.14
CA ALA A 127 17.32 23.47 -12.13
C ALA A 127 17.36 21.96 -12.29
N ILE A 128 17.36 21.49 -13.54
CA ILE A 128 17.41 20.05 -13.76
C ILE A 128 18.74 19.50 -13.28
N SER A 129 19.82 20.20 -13.61
CA SER A 129 21.14 19.74 -13.20
C SER A 129 21.27 19.68 -11.69
N ILE A 130 20.77 20.72 -10.99
CA ILE A 130 20.89 20.72 -9.54
C ILE A 130 19.99 19.66 -8.92
N ASP A 131 18.84 19.37 -9.53
CA ASP A 131 17.99 18.32 -8.96
C ASP A 131 18.68 16.96 -9.09
N ARG A 132 19.38 16.75 -10.20
CA ARG A 132 20.13 15.50 -10.35
C ARG A 132 21.27 15.43 -9.33
N TYR A 133 21.89 16.58 -9.07
CA TYR A 133 22.92 16.63 -8.04
C TYR A 133 22.34 16.18 -6.71
N THR A 134 21.20 16.76 -6.33
CA THR A 134 20.60 16.38 -5.05
C THR A 134 20.33 14.88 -5.04
N ALA A 135 19.83 14.36 -6.16
CA ALA A 135 19.52 12.94 -6.31
C ALA A 135 20.71 12.04 -5.99
N VAL A 136 21.92 12.47 -6.32
CA VAL A 136 23.11 11.64 -6.08
C VAL A 136 23.84 12.02 -4.80
N ALA A 137 24.06 13.32 -4.60
CA ALA A 137 24.79 13.85 -3.46
C ALA A 137 24.07 13.62 -2.15
N MET A 138 22.74 13.68 -2.15
CA MET A 138 21.93 13.55 -0.93
C MET A 138 20.71 12.69 -1.20
N PRO A 139 20.91 11.39 -1.43
CA PRO A 139 19.82 10.53 -1.92
C PRO A 139 18.61 10.50 -1.02
N MET A 140 18.77 10.77 0.27
CA MET A 140 17.63 10.71 1.18
C MET A 140 16.72 11.92 1.06
N LEU A 141 17.20 13.04 0.54
CA LEU A 141 16.35 14.21 0.42
C LEU A 141 15.56 14.15 -0.87
N TYR A 142 16.16 13.55 -1.91
CA TYR A 142 15.51 13.41 -3.20
C TYR A 142 14.32 12.45 -3.12
N ASN A 143 14.53 11.29 -2.50
CA ASN A 143 13.52 10.22 -2.47
C ASN A 143 12.54 10.42 -1.31
N THR A 144 11.70 11.45 -1.46
CA THR A 144 10.67 11.75 -0.47
C THR A 144 9.51 12.41 -1.19
N ARG A 145 8.51 12.87 -0.43
CA ARG A 145 7.40 13.60 -1.02
C ARG A 145 7.25 15.04 -0.55
N TYR A 146 7.60 15.37 0.69
CA TYR A 146 7.34 16.71 1.20
C TYR A 146 8.44 17.68 0.78
N SER A 147 9.70 17.25 0.94
CA SER A 147 10.80 18.12 0.55
C SER A 147 10.90 18.12 -0.95
N SER A 148 10.35 17.08 -1.57
CA SER A 148 10.36 16.94 -3.02
C SER A 148 9.48 18.02 -3.64
N LYS A 149 8.25 18.14 -3.13
CA LYS A 149 7.36 19.18 -3.61
C LYS A 149 7.89 20.56 -3.28
N ARG A 150 8.51 20.73 -2.10
CA ARG A 150 9.02 22.06 -1.79
C ARG A 150 10.17 22.45 -2.72
N ARG A 151 11.07 21.50 -3.01
CA ARG A 151 12.18 21.81 -3.90
C ARG A 151 11.69 22.12 -5.31
N VAL A 152 10.69 21.37 -5.79
CA VAL A 152 10.21 21.67 -7.14
C VAL A 152 9.55 23.04 -7.18
N THR A 153 8.72 23.34 -6.18
CA THR A 153 8.04 24.63 -6.16
C THR A 153 9.05 25.76 -6.15
N VAL A 154 10.08 25.65 -5.30
CA VAL A 154 11.07 26.71 -5.19
C VAL A 154 11.89 26.84 -6.48
N MET A 155 12.33 25.72 -7.06
CA MET A 155 13.12 25.83 -8.28
C MET A 155 12.33 26.40 -9.45
N ILE A 156 11.08 25.97 -9.64
CA ILE A 156 10.32 26.51 -10.76
C ILE A 156 10.01 27.97 -10.53
N SER A 157 9.59 28.32 -9.31
CA SER A 157 9.28 29.71 -9.05
C SER A 157 10.49 30.59 -9.26
N ILE A 158 11.66 30.18 -8.74
CA ILE A 158 12.84 31.03 -8.88
C ILE A 158 13.24 31.14 -10.35
N VAL A 159 13.06 30.09 -11.14
CA VAL A 159 13.38 30.18 -12.57
C VAL A 159 12.53 31.25 -13.26
N TRP A 160 11.21 31.23 -13.01
CA TRP A 160 10.37 32.21 -13.71
C TRP A 160 10.51 33.61 -13.10
N VAL A 161 10.80 33.70 -11.80
CA VAL A 161 11.01 35.00 -11.16
C VAL A 161 12.25 35.65 -11.72
N LEU A 162 13.34 34.89 -11.83
CA LEU A 162 14.55 35.47 -12.37
C LEU A 162 14.39 35.82 -13.83
N SER A 163 13.70 34.98 -14.62
CA SER A 163 13.58 35.33 -16.03
C SER A 163 12.79 36.62 -16.21
N PHE A 164 11.77 36.83 -15.36
CA PHE A 164 11.04 38.09 -15.41
C PHE A 164 11.94 39.23 -14.99
N THR A 165 12.63 39.08 -13.85
CA THR A 165 13.44 40.16 -13.31
C THR A 165 14.50 40.59 -14.32
N ILE A 166 15.13 39.63 -14.98
CA ILE A 166 16.19 39.91 -15.93
C ILE A 166 15.65 40.59 -17.17
N SER A 167 14.53 40.11 -17.71
CA SER A 167 14.02 40.76 -18.93
C SER A 167 13.26 42.06 -18.66
N CYS A 168 12.77 42.28 -17.44
CA CYS A 168 11.98 43.48 -17.12
C CYS A 168 12.58 44.81 -17.57
N PRO A 169 13.88 45.10 -17.40
CA PRO A 169 14.39 46.41 -17.84
C PRO A 169 14.16 46.71 -19.31
N LEU A 170 13.88 45.71 -20.14
CA LEU A 170 13.65 45.93 -21.55
C LEU A 170 12.26 46.48 -21.85
N LEU A 171 11.41 46.61 -20.85
CA LEU A 171 10.08 47.14 -21.08
C LEU A 171 10.04 48.66 -21.12
N PHE A 172 11.13 49.35 -20.76
CA PHE A 172 11.10 50.80 -20.77
C PHE A 172 12.50 51.38 -20.86
N GLY A 173 12.59 52.55 -21.49
CA GLY A 173 13.79 53.37 -21.45
C GLY A 173 15.01 52.95 -22.23
N LEU A 174 15.73 51.98 -21.67
CA LEU A 174 17.06 51.62 -22.12
C LEU A 174 17.12 51.05 -23.54
N ASN A 175 16.01 50.57 -24.09
CA ASN A 175 16.08 49.94 -25.42
C ASN A 175 16.64 50.89 -26.48
N ASN A 176 16.33 52.19 -26.39
CA ASN A 176 16.84 53.18 -27.34
C ASN A 176 16.64 52.75 -28.79
N ALA A 177 15.46 52.24 -29.12
CA ALA A 177 15.20 51.83 -30.49
C ALA A 177 15.18 53.05 -31.40
N ASP A 178 15.54 52.85 -32.66
CA ASP A 178 15.63 53.97 -33.60
C ASP A 178 15.00 53.59 -34.92
N GLN A 179 13.92 54.30 -35.28
CA GLN A 179 13.11 54.06 -36.48
C GLN A 179 12.59 52.63 -36.51
N ASN A 180 12.96 51.83 -37.51
CA ASN A 180 12.48 50.46 -37.66
C ASN A 180 13.46 49.43 -37.10
N GLU A 181 14.51 49.87 -36.44
CA GLU A 181 15.49 48.95 -35.85
C GLU A 181 15.29 48.91 -34.34
N CYS A 182 14.99 47.72 -33.82
CA CYS A 182 14.72 47.52 -32.40
C CYS A 182 15.41 46.22 -31.97
N ILE A 183 16.73 46.32 -31.89
CA ILE A 183 17.66 45.25 -31.56
C ILE A 183 18.33 45.58 -30.23
N ILE A 184 18.50 44.59 -29.36
CA ILE A 184 19.13 44.89 -28.07
C ILE A 184 20.60 45.21 -28.31
N ALA A 185 21.01 46.40 -27.89
CA ALA A 185 22.41 46.82 -28.03
C ALA A 185 22.78 47.87 -26.99
N ASN A 186 22.23 47.77 -25.78
CA ASN A 186 22.57 48.74 -24.74
C ASN A 186 23.48 48.07 -23.71
N PRO A 187 24.75 48.48 -23.62
CA PRO A 187 25.68 47.81 -22.69
C PRO A 187 25.16 47.66 -21.26
N ALA A 188 24.36 48.62 -20.79
CA ALA A 188 23.81 48.57 -19.44
C ALA A 188 22.99 47.32 -19.23
N PHE A 189 22.31 46.86 -20.28
CA PHE A 189 21.50 45.66 -20.22
C PHE A 189 22.23 44.48 -20.80
N VAL A 190 23.02 44.69 -21.86
CA VAL A 190 23.62 43.55 -22.54
C VAL A 190 24.61 42.85 -21.62
N VAL A 191 25.46 43.61 -20.92
CA VAL A 191 26.44 42.94 -20.06
C VAL A 191 25.75 42.29 -18.87
N TYR A 192 24.83 43.02 -18.23
CA TYR A 192 24.07 42.48 -17.11
C TYR A 192 23.36 41.20 -17.47
N SER A 193 22.58 41.25 -18.56
CA SER A 193 21.79 40.11 -19.00
C SER A 193 22.68 38.94 -19.37
N SER A 194 23.75 39.21 -20.12
CA SER A 194 24.61 38.11 -20.54
C SER A 194 25.19 37.39 -19.34
N ILE A 195 25.64 38.14 -18.34
CA ILE A 195 26.22 37.54 -17.14
C ILE A 195 25.18 36.78 -16.32
N VAL A 196 24.01 37.39 -16.07
CA VAL A 196 23.02 36.74 -15.19
C VAL A 196 22.24 35.65 -15.89
N SER A 197 21.93 35.81 -17.17
CA SER A 197 21.15 34.81 -17.89
C SER A 197 22.00 33.65 -18.39
N PHE A 198 23.29 33.85 -18.59
CA PHE A 198 24.07 32.75 -19.11
C PHE A 198 25.34 32.36 -18.37
N TYR A 199 26.27 33.28 -18.14
CA TYR A 199 27.57 32.85 -17.64
C TYR A 199 27.51 32.25 -16.25
N VAL A 200 26.67 32.82 -15.38
CA VAL A 200 26.52 32.25 -14.04
C VAL A 200 25.79 30.91 -14.19
N PRO A 201 24.59 30.87 -14.81
CA PRO A 201 23.97 29.55 -15.06
C PRO A 201 24.90 28.56 -15.75
N PHE A 202 25.73 29.04 -16.67
CA PHE A 202 26.66 28.18 -17.40
C PHE A 202 27.64 27.51 -16.44
N ILE A 203 28.33 28.31 -15.63
CA ILE A 203 29.32 27.74 -14.73
C ILE A 203 28.63 26.85 -13.70
N VAL A 204 27.40 27.17 -13.36
CA VAL A 204 26.69 26.28 -12.39
C VAL A 204 26.59 24.86 -12.95
N THR A 205 25.97 24.67 -14.10
CA THR A 205 25.71 23.27 -14.55
C THR A 205 27.01 22.50 -14.78
N LEU A 206 28.01 23.11 -15.41
CA LEU A 206 29.21 22.29 -15.73
C LEU A 206 29.90 21.78 -14.45
N LEU A 207 30.09 22.64 -13.46
CA LEU A 207 30.76 22.08 -12.26
C LEU A 207 29.87 21.03 -11.63
N VAL A 208 28.57 21.32 -11.53
CA VAL A 208 27.68 20.36 -10.82
C VAL A 208 27.64 19.05 -11.62
N TYR A 209 27.53 19.15 -12.94
CA TYR A 209 27.46 17.91 -13.74
C TYR A 209 28.80 17.15 -13.62
N ILE A 210 29.90 17.89 -13.65
CA ILE A 210 31.25 17.24 -13.52
C ILE A 210 31.34 16.60 -12.13
N LYS A 211 30.88 17.30 -11.11
CA LYS A 211 30.96 16.76 -9.73
C LYS A 211 30.12 15.49 -9.66
N ILE A 212 28.96 15.51 -10.30
CA ILE A 212 28.06 14.33 -10.25
C ILE A 212 28.84 13.20 -10.92
N TYR A 213 29.54 13.53 -12.00
CA TYR A 213 30.39 12.50 -12.67
C TYR A 213 31.49 12.08 -11.70
N ILE A 214 32.17 13.03 -11.05
CA ILE A 214 33.19 12.56 -10.12
C ILE A 214 32.61 11.57 -9.12
N VAL A 215 31.42 11.86 -8.60
CA VAL A 215 30.82 10.92 -7.64
C VAL A 215 30.49 9.60 -8.31
N LEU A 216 29.90 9.65 -9.52
CA LEU A 216 29.55 8.41 -10.20
C LEU A 216 30.79 7.61 -10.55
N ARG A 217 31.86 8.29 -10.95
CA ARG A 217 33.09 7.58 -11.33
C ARG A 217 33.74 6.95 -10.10
N ARG A 218 33.79 7.68 -8.98
CA ARG A 218 34.47 7.11 -7.82
C ARG A 218 33.66 5.96 -7.26
N ARG A 219 32.33 6.00 -7.38
CA ARG A 219 31.57 4.85 -6.92
C ARG A 219 31.72 3.69 -7.90
N ARG A 220 31.77 4.01 -9.21
CA ARG A 220 31.93 2.98 -10.22
C ARG A 220 33.20 2.18 -10.00
N LYS A 221 34.29 2.88 -9.63
CA LYS A 221 35.58 2.23 -9.44
C LYS A 221 35.64 1.41 -8.16
N ARG A 222 34.66 1.53 -7.27
CA ARG A 222 34.62 0.73 -6.05
C ARG A 222 33.60 -0.40 -6.12
N VAL A 223 32.43 -0.14 -6.69
CA VAL A 223 31.39 -1.15 -6.78
C VAL A 223 31.83 -2.29 -7.69
N ASN A 224 32.38 -1.94 -8.85
CA ASN A 224 32.92 -2.91 -9.81
C ASN A 224 31.99 -4.10 -10.06
N ARG A 361 26.85 -8.32 -15.37
CA ARG A 361 27.86 -7.58 -14.57
C ARG A 361 28.45 -6.46 -15.43
N LYS A 362 28.68 -6.74 -16.71
CA LYS A 362 29.21 -5.72 -17.65
C LYS A 362 28.20 -4.59 -17.75
N LEU A 363 26.91 -4.92 -17.77
CA LEU A 363 25.86 -3.90 -17.99
C LEU A 363 25.91 -2.85 -16.87
N SER A 364 26.13 -3.27 -15.62
CA SER A 364 26.07 -2.26 -14.54
C SER A 364 27.16 -1.20 -14.79
N GLN A 365 28.36 -1.62 -15.17
CA GLN A 365 29.39 -0.63 -15.54
C GLN A 365 28.90 0.13 -16.78
N GLN A 366 28.29 -0.61 -17.73
CA GLN A 366 27.80 0.01 -18.98
C GLN A 366 26.71 1.04 -18.63
N LYS A 367 25.85 0.72 -17.66
CA LYS A 367 24.79 1.67 -17.26
C LYS A 367 25.47 2.92 -16.72
N GLU A 368 26.55 2.75 -15.95
CA GLU A 368 27.31 3.93 -15.47
C GLU A 368 27.87 4.65 -16.70
N LYS A 369 28.34 3.89 -17.68
CA LYS A 369 28.97 4.51 -18.88
C LYS A 369 27.94 5.35 -19.63
N LYS A 370 26.70 4.86 -19.72
CA LYS A 370 25.64 5.62 -20.43
C LYS A 370 25.46 6.93 -19.66
N ALA A 371 25.50 6.87 -18.34
CA ALA A 371 25.38 8.10 -17.53
C ALA A 371 26.56 9.01 -17.86
N THR A 372 27.76 8.45 -18.00
CA THR A 372 28.97 9.29 -18.25
C THR A 372 28.95 9.76 -19.70
N GLN A 373 27.96 9.35 -20.48
CA GLN A 373 27.83 9.82 -21.84
C GLN A 373 26.64 10.75 -21.92
N MET A 374 25.57 10.41 -21.20
CA MET A 374 24.39 11.24 -21.24
C MET A 374 24.67 12.58 -20.58
N LEU A 375 25.46 12.58 -19.50
CA LEU A 375 25.78 13.86 -18.90
C LEU A 375 26.54 14.73 -19.89
N ALA A 376 27.47 14.13 -20.63
CA ALA A 376 28.23 14.91 -21.59
C ALA A 376 27.32 15.49 -22.65
N ILE A 377 26.30 14.72 -23.06
CA ILE A 377 25.41 15.24 -24.08
C ILE A 377 24.68 16.46 -23.57
N VAL A 378 24.15 16.37 -22.34
CA VAL A 378 23.41 17.52 -21.84
C VAL A 378 24.31 18.73 -21.78
N LEU A 379 25.53 18.54 -21.33
CA LEU A 379 26.39 19.71 -21.22
C LEU A 379 26.80 20.22 -22.58
N GLY A 380 27.17 19.32 -23.50
CA GLY A 380 27.67 19.78 -24.79
C GLY A 380 26.68 20.59 -25.61
N VAL A 381 25.44 20.12 -25.65
CA VAL A 381 24.47 20.83 -26.45
C VAL A 381 24.18 22.18 -25.84
N PHE A 382 24.12 22.25 -24.51
CA PHE A 382 23.94 23.55 -23.90
C PHE A 382 25.09 24.48 -24.29
N ILE A 383 26.33 24.01 -24.13
CA ILE A 383 27.48 24.88 -24.35
C ILE A 383 27.52 25.35 -25.79
N ILE A 384 27.35 24.43 -26.72
CA ILE A 384 27.47 24.83 -28.12
C ILE A 384 26.32 25.73 -28.55
N CYS A 385 25.10 25.49 -28.05
CA CYS A 385 24.01 26.32 -28.52
C CYS A 385 24.04 27.75 -28.01
N TRP A 386 24.31 27.96 -26.73
CA TRP A 386 24.28 29.31 -26.19
C TRP A 386 25.61 30.06 -26.15
N LEU A 387 26.75 29.37 -26.08
CA LEU A 387 28.00 30.10 -25.92
C LEU A 387 28.32 31.07 -27.04
N PRO A 388 28.28 30.70 -28.33
CA PRO A 388 28.69 31.68 -29.35
C PRO A 388 27.79 32.89 -29.44
N PHE A 389 26.53 32.77 -29.05
CA PHE A 389 25.67 33.94 -29.07
C PHE A 389 26.10 34.98 -28.05
N PHE A 390 26.28 34.55 -26.80
CA PHE A 390 26.55 35.55 -25.77
C PHE A 390 27.92 36.19 -25.93
N ILE A 391 28.90 35.46 -26.45
CA ILE A 391 30.18 36.11 -26.66
C ILE A 391 30.00 37.19 -27.71
N THR A 392 29.31 36.83 -28.79
CA THR A 392 29.06 37.79 -29.85
C THR A 392 28.22 38.90 -29.28
N HIS A 393 27.25 38.52 -28.45
CA HIS A 393 26.31 39.47 -27.89
C HIS A 393 27.05 40.56 -27.14
N ILE A 394 28.06 40.19 -26.35
CA ILE A 394 28.83 41.26 -25.74
C ILE A 394 29.82 41.88 -26.71
N LEU A 395 30.54 41.05 -27.48
CA LEU A 395 31.57 41.60 -28.36
C LEU A 395 31.02 42.60 -29.37
N ASN A 396 29.80 42.36 -29.87
CA ASN A 396 29.21 43.22 -30.88
C ASN A 396 29.01 44.64 -30.39
N ILE A 397 28.95 44.85 -29.08
CA ILE A 397 28.81 46.20 -28.55
C ILE A 397 30.14 46.67 -27.99
N HIS A 398 30.94 45.73 -27.49
CA HIS A 398 32.18 46.10 -26.80
C HIS A 398 33.14 46.90 -27.68
N CYS A 399 33.40 46.44 -28.91
CA CYS A 399 34.36 47.15 -29.74
C CYS A 399 34.07 46.90 -31.21
N ASP A 400 34.73 47.68 -32.07
CA ASP A 400 34.65 47.44 -33.49
C ASP A 400 35.20 46.05 -33.76
N CYS A 401 34.44 45.26 -34.51
CA CYS A 401 34.85 43.89 -34.79
C CYS A 401 34.12 43.39 -36.02
N ASN A 402 34.60 42.26 -36.53
CA ASN A 402 34.04 41.64 -37.73
C ASN A 402 32.86 40.74 -37.37
N ILE A 403 31.75 41.38 -37.00
CA ILE A 403 30.52 40.65 -36.72
C ILE A 403 29.43 41.13 -37.66
N PRO A 404 29.27 40.53 -38.83
CA PRO A 404 28.23 40.94 -39.76
C PRO A 404 26.88 40.52 -39.21
N PRO A 405 25.79 41.16 -39.65
CA PRO A 405 24.46 40.79 -39.13
C PRO A 405 24.09 39.35 -39.41
N VAL A 406 24.70 38.72 -40.41
CA VAL A 406 24.37 37.33 -40.72
C VAL A 406 24.93 36.40 -39.65
N LEU A 407 26.08 36.74 -39.07
CA LEU A 407 26.64 35.88 -38.04
C LEU A 407 25.82 36.03 -36.77
N TYR A 408 25.47 37.27 -36.45
CA TYR A 408 24.71 37.55 -35.23
C TYR A 408 23.37 36.82 -35.30
N SER A 409 22.70 36.92 -36.46
CA SER A 409 21.42 36.26 -36.63
C SER A 409 21.58 34.74 -36.60
N ALA A 410 22.65 34.21 -37.21
CA ALA A 410 22.84 32.77 -37.19
C ALA A 410 23.01 32.25 -35.77
N PHE A 411 23.73 32.99 -34.92
CA PHE A 411 23.88 32.55 -33.55
C PHE A 411 22.57 32.70 -32.79
N THR A 412 21.81 33.75 -33.10
CA THR A 412 20.53 33.94 -32.45
C THR A 412 19.62 32.76 -32.75
N TRP A 413 19.59 32.33 -34.02
CA TRP A 413 18.77 31.19 -34.41
C TRP A 413 19.25 29.93 -33.69
N LEU A 414 20.58 29.76 -33.59
CA LEU A 414 21.11 28.60 -32.89
C LEU A 414 20.57 28.55 -31.46
N GLY A 415 20.39 29.73 -30.88
CA GLY A 415 19.84 29.82 -29.54
C GLY A 415 18.46 29.20 -29.44
N TYR A 416 17.70 29.22 -30.53
CA TYR A 416 16.37 28.63 -30.52
C TYR A 416 16.46 27.16 -30.92
N VAL A 417 17.51 26.82 -31.68
CA VAL A 417 17.71 25.43 -32.02
C VAL A 417 17.85 24.64 -30.74
N ASN A 418 18.56 25.23 -29.76
CA ASN A 418 18.67 24.58 -28.46
C ASN A 418 17.31 24.21 -27.88
N SER A 419 16.30 25.06 -28.13
CA SER A 419 14.95 24.80 -27.63
C SER A 419 14.33 23.66 -28.39
N ALA A 420 14.72 23.51 -29.64
CA ALA A 420 14.21 22.39 -30.43
C ALA A 420 14.86 21.08 -30.02
N VAL A 421 16.12 21.16 -29.59
CA VAL A 421 16.91 19.99 -29.18
C VAL A 421 16.47 19.44 -27.82
N ASN A 422 16.27 20.32 -26.84
CA ASN A 422 15.95 19.91 -25.46
C ASN A 422 14.95 18.75 -25.30
N PRO A 423 13.78 18.75 -25.95
CA PRO A 423 12.84 17.63 -25.73
C PRO A 423 13.40 16.25 -25.99
N ILE A 424 14.38 16.12 -26.88
CA ILE A 424 14.89 14.80 -27.22
C ILE A 424 15.94 14.33 -26.22
N ILE A 425 16.91 15.20 -25.90
CA ILE A 425 17.96 14.74 -25.01
C ILE A 425 17.41 14.55 -23.61
N TYR A 426 16.40 15.33 -23.23
CA TYR A 426 15.79 15.18 -21.91
C TYR A 426 14.74 14.08 -21.85
N THR A 427 14.02 13.78 -22.93
CA THR A 427 12.97 12.79 -22.79
C THR A 427 13.13 11.50 -23.57
N THR A 428 14.04 11.41 -24.54
CA THR A 428 14.03 10.18 -25.31
C THR A 428 14.93 9.10 -24.71
N PHE A 429 15.69 9.43 -23.66
CA PHE A 429 16.52 8.44 -22.98
C PHE A 429 15.78 7.75 -21.85
N ASN A 430 14.68 8.34 -21.39
CA ASN A 430 13.85 7.83 -20.31
C ASN A 430 12.80 6.88 -20.88
N ILE A 431 12.86 5.60 -20.48
CA ILE A 431 11.94 4.60 -21.01
C ILE A 431 10.49 4.97 -20.73
N GLU A 432 10.22 5.61 -19.60
CA GLU A 432 8.83 5.95 -19.29
C GLU A 432 8.33 7.02 -20.25
N PHE A 433 9.22 7.95 -20.62
CA PHE A 433 8.83 8.94 -21.62
C PHE A 433 8.65 8.27 -22.98
N ARG A 434 9.52 7.31 -23.32
CA ARG A 434 9.36 6.64 -24.60
C ARG A 434 8.00 5.96 -24.67
N LYS A 435 7.61 5.30 -23.59
CA LYS A 435 6.30 4.64 -23.57
C LYS A 435 5.17 5.66 -23.68
N ALA A 436 5.31 6.79 -22.97
CA ALA A 436 4.27 7.82 -23.05
C ALA A 436 4.16 8.37 -24.47
N PHE A 437 5.30 8.52 -25.14
CA PHE A 437 5.30 9.04 -26.50
C PHE A 437 4.66 8.04 -27.44
N LEU A 438 4.96 6.75 -27.25
CA LEU A 438 4.36 5.75 -28.11
C LEU A 438 2.85 5.73 -27.91
N LYS A 439 2.39 5.92 -26.68
CA LYS A 439 0.95 5.99 -26.44
C LYS A 439 0.35 7.20 -27.15
N ILE A 440 1.01 8.35 -27.04
CA ILE A 440 0.53 9.59 -27.64
C ILE A 440 0.50 9.47 -29.17
N LEU A 441 1.54 8.88 -29.74
CA LEU A 441 1.71 8.76 -31.18
C LEU A 441 1.02 7.53 -31.77
N HIS A 442 0.31 6.76 -30.96
CA HIS A 442 -0.34 5.53 -31.41
C HIS A 442 0.68 4.57 -32.01
N CYS A 443 1.85 4.48 -31.39
CA CYS A 443 2.92 3.63 -31.88
C CYS A 443 3.33 2.60 -30.82
N SER B 6 -22.86 27.81 10.26
CA SER B 6 -23.25 27.67 11.65
C SER B 6 -22.04 27.47 12.56
N ALA B 7 -22.28 27.69 13.86
CA ALA B 7 -21.23 27.45 14.84
C ALA B 7 -20.88 25.98 14.94
N GLU B 8 -21.86 25.09 14.76
CA GLU B 8 -21.62 23.67 14.88
C GLU B 8 -20.73 23.19 13.74
N GLU B 9 -20.97 23.71 12.54
CA GLU B 9 -20.15 23.32 11.41
C GLU B 9 -18.73 23.86 11.58
N ARG B 10 -18.59 25.08 12.09
CA ARG B 10 -17.25 25.62 12.32
C ARG B 10 -16.51 24.78 13.35
N ALA B 11 -17.20 24.32 14.40
CA ALA B 11 -16.55 23.46 15.37
C ALA B 11 -16.10 22.15 14.71
N ALA B 12 -16.95 21.62 13.84
CA ALA B 12 -16.59 20.39 13.13
C ALA B 12 -15.37 20.63 12.26
N LEU B 13 -15.30 21.81 11.63
CA LEU B 13 -14.17 22.14 10.79
C LEU B 13 -12.90 22.28 11.61
N GLU B 14 -13.00 22.82 12.82
CA GLU B 14 -11.82 22.93 13.65
C GLU B 14 -11.31 21.56 14.06
N ARG B 15 -12.24 20.63 14.35
CA ARG B 15 -11.81 19.29 14.70
C ARG B 15 -11.17 18.62 13.49
N SER B 16 -11.76 18.82 12.31
CA SER B 16 -11.23 18.24 11.09
C SER B 16 -9.85 18.76 10.79
N LYS B 17 -9.64 20.08 10.93
CA LYS B 17 -8.33 20.65 10.68
C LYS B 17 -7.31 20.11 11.66
N ALA B 18 -7.68 19.95 12.94
CA ALA B 18 -6.74 19.40 13.90
C ALA B 18 -6.33 17.98 13.50
N ILE B 19 -7.30 17.20 13.02
CA ILE B 19 -7.01 15.84 12.59
C ILE B 19 -6.08 15.85 11.39
N GLU B 20 -6.37 16.71 10.41
CA GLU B 20 -5.55 16.76 9.21
C GLU B 20 -4.13 17.18 9.55
N LYS B 21 -3.99 18.16 10.45
CA LYS B 21 -2.65 18.62 10.83
C LYS B 21 -1.87 17.50 11.49
N ASN B 22 -2.49 16.75 12.39
CA ASN B 22 -1.76 15.68 13.06
C ASN B 22 -1.40 14.58 12.09
N LEU B 23 -2.30 14.28 11.13
CA LEU B 23 -2.02 13.24 10.15
C LEU B 23 -0.86 13.66 9.26
N LYS B 24 -0.82 14.93 8.87
CA LYS B 24 0.26 15.39 8.00
C LYS B 24 1.59 15.37 8.74
N GLU B 25 1.61 15.85 9.98
CA GLU B 25 2.89 15.85 10.72
C GLU B 25 3.40 14.43 10.90
N ASP B 26 2.48 13.49 11.17
CA ASP B 26 2.90 12.11 11.36
C ASP B 26 3.41 11.55 10.04
N GLY B 27 2.72 11.84 8.94
CA GLY B 27 3.17 11.34 7.65
C GLY B 27 4.55 11.89 7.30
N ILE B 28 4.81 13.14 7.69
CA ILE B 28 6.10 13.77 7.42
C ILE B 28 7.22 13.05 8.15
N SER B 29 7.01 12.76 9.44
CA SER B 29 8.06 12.05 10.17
C SER B 29 8.16 10.58 9.75
N ALA B 30 7.03 9.92 9.49
CA ALA B 30 7.01 8.51 9.13
C ALA B 30 7.72 8.21 7.82
N ALA B 31 7.66 9.13 6.85
CA ALA B 31 8.28 8.90 5.54
C ALA B 31 9.81 8.86 5.57
N LYS B 32 10.39 9.50 6.57
CA LYS B 32 11.88 9.57 6.67
C LYS B 32 12.37 8.27 7.29
N ASP B 33 12.42 7.19 6.50
CA ASP B 33 12.81 5.90 7.05
C ASP B 33 13.30 4.98 5.94
N VAL B 34 13.75 3.78 6.32
CA VAL B 34 14.14 2.73 5.38
C VAL B 34 13.45 1.44 5.78
N LYS B 35 12.70 0.83 4.85
CA LYS B 35 11.99 -0.42 5.13
C LYS B 35 12.68 -1.63 4.50
N LEU B 36 12.95 -2.63 5.34
CA LEU B 36 13.60 -3.88 4.94
C LEU B 36 12.73 -5.07 5.32
N LEU B 37 12.51 -5.98 4.37
CA LEU B 37 11.72 -7.19 4.63
C LEU B 37 12.69 -8.36 4.77
N LEU B 38 12.56 -9.16 5.83
CA LEU B 38 13.46 -10.30 6.03
C LEU B 38 12.78 -11.63 5.75
N LEU B 39 13.31 -12.37 4.77
CA LEU B 39 12.80 -13.65 4.33
C LEU B 39 13.87 -14.73 4.37
N GLY B 40 13.40 -15.97 4.45
CA GLY B 40 14.23 -17.17 4.38
C GLY B 40 13.33 -18.38 4.28
N ALA B 41 13.95 -19.53 4.01
CA ALA B 41 13.23 -20.78 3.78
C ALA B 41 13.44 -21.80 4.89
N GLY B 42 13.68 -21.33 6.10
CA GLY B 42 13.91 -22.19 7.24
C GLY B 42 14.32 -21.37 8.45
N GLU B 43 15.09 -22.00 9.33
CA GLU B 43 15.50 -21.27 10.54
C GLU B 43 16.67 -20.42 10.05
N SER B 44 17.49 -20.98 9.16
CA SER B 44 18.59 -20.31 8.49
C SER B 44 19.45 -19.44 9.40
N GLY B 45 19.77 -18.25 8.91
CA GLY B 45 20.49 -17.23 9.63
C GLY B 45 19.60 -16.07 10.02
N GLU B 46 18.28 -16.28 9.95
CA GLU B 46 17.34 -15.18 10.24
C GLU B 46 17.59 -14.65 11.65
N SER B 47 17.62 -15.54 12.64
CA SER B 47 17.75 -15.06 14.01
C SER B 47 19.15 -14.50 14.22
N THR B 48 20.12 -15.05 13.49
CA THR B 48 21.50 -14.57 13.60
C THR B 48 21.60 -13.17 13.02
N ILE B 49 20.98 -12.96 11.85
CA ILE B 49 21.10 -11.66 11.22
C ILE B 49 20.33 -10.63 12.03
N VAL B 50 19.20 -11.01 12.63
CA VAL B 50 18.47 -10.04 13.42
C VAL B 50 19.27 -9.64 14.65
N LYS B 51 19.84 -10.64 15.34
CA LYS B 51 20.63 -10.34 16.54
C LYS B 51 21.84 -9.48 16.21
N GLN B 52 22.47 -9.74 15.06
CA GLN B 52 23.64 -8.97 14.65
C GLN B 52 23.28 -7.55 14.26
N MET B 53 22.16 -7.36 13.55
CA MET B 53 21.73 -6.02 13.16
C MET B 53 21.34 -5.18 14.36
N LYS B 54 20.65 -5.76 15.34
CA LYS B 54 20.26 -5.01 16.55
C LYS B 54 21.42 -5.05 17.55
N ILE B 55 22.49 -4.35 17.17
CA ILE B 55 23.78 -4.28 17.88
C ILE B 55 23.83 -4.90 19.27
N PHE B 61 14.93 2.07 22.36
CA PHE B 61 13.97 0.98 22.03
C PHE B 61 13.91 0.01 23.20
N SER B 62 15.04 -0.20 23.88
CA SER B 62 15.05 -1.23 24.94
C SER B 62 14.07 -0.84 26.04
N GLY B 63 14.03 0.44 26.45
CA GLY B 63 13.01 0.88 27.42
C GLY B 63 11.75 1.31 26.71
N GLU B 64 11.80 1.42 25.38
CA GLU B 64 10.65 1.98 24.63
C GLU B 64 9.40 1.16 24.91
N ASP B 65 9.48 -0.17 24.73
CA ASP B 65 8.27 -0.96 24.89
C ASP B 65 7.94 -1.07 26.36
N VAL B 66 8.97 -1.12 27.19
CA VAL B 66 8.78 -1.29 28.63
C VAL B 66 8.03 -0.08 29.18
N LYS B 67 8.49 1.10 28.79
CA LYS B 67 7.84 2.34 29.21
C LYS B 67 6.41 2.42 28.65
N GLN B 68 6.21 1.95 27.42
CA GLN B 68 4.89 2.05 26.78
C GLN B 68 3.86 0.99 27.18
N TYR B 69 4.24 -0.16 27.72
CA TYR B 69 3.19 -1.17 27.99
C TYR B 69 2.62 -1.17 29.41
N LYS B 70 3.09 -0.32 30.32
CA LYS B 70 2.50 -0.27 31.67
C LYS B 70 0.97 -0.39 31.63
N PRO B 71 0.25 0.45 30.89
CA PRO B 71 -1.23 0.33 30.89
C PRO B 71 -1.71 -0.99 30.32
N VAL B 72 -0.87 -1.69 29.56
CA VAL B 72 -1.27 -2.97 29.00
C VAL B 72 -1.15 -4.06 30.05
N VAL B 73 -0.04 -4.05 30.79
CA VAL B 73 0.13 -5.03 31.86
C VAL B 73 -0.97 -4.81 32.88
N TYR B 74 -1.24 -3.54 33.18
CA TYR B 74 -2.30 -3.17 34.10
C TYR B 74 -3.66 -3.73 33.67
N SER B 75 -4.03 -3.51 32.40
CA SER B 75 -5.33 -4.02 31.96
C SER B 75 -5.35 -5.53 31.87
N ASN B 76 -4.19 -6.16 31.60
CA ASN B 76 -4.16 -7.61 31.58
C ASN B 76 -4.35 -8.16 32.97
N THR B 77 -3.79 -7.45 33.95
CA THR B 77 -3.89 -7.85 35.35
C THR B 77 -5.34 -7.82 35.80
N ILE B 78 -6.06 -6.75 35.46
CA ILE B 78 -7.45 -6.66 35.87
C ILE B 78 -8.33 -7.65 35.10
N GLN B 79 -8.15 -7.76 33.79
CA GLN B 79 -8.97 -8.70 33.02
C GLN B 79 -8.75 -10.11 33.52
N SER B 80 -7.50 -10.47 33.81
CA SER B 80 -7.21 -11.78 34.35
C SER B 80 -7.88 -11.97 35.70
N LEU B 81 -7.84 -10.96 36.57
CA LEU B 81 -8.47 -11.12 37.87
C LEU B 81 -9.95 -11.41 37.70
N ALA B 82 -10.59 -10.73 36.74
CA ALA B 82 -11.99 -11.04 36.45
C ALA B 82 -12.13 -12.47 35.95
N ALA B 83 -11.15 -12.93 35.16
CA ALA B 83 -11.19 -14.31 34.68
C ALA B 83 -11.08 -15.26 35.85
N ILE B 84 -10.33 -14.85 36.86
CA ILE B 84 -10.16 -15.66 38.05
C ILE B 84 -11.47 -15.74 38.80
N VAL B 85 -12.19 -14.62 38.89
CA VAL B 85 -13.51 -14.61 39.53
C VAL B 85 -14.43 -15.57 38.79
N ARG B 86 -14.37 -15.55 37.46
CA ARG B 86 -15.17 -16.50 36.70
C ARG B 86 -14.74 -17.93 37.06
N ALA B 87 -13.44 -18.15 37.22
CA ALA B 87 -12.95 -19.47 37.63
C ALA B 87 -13.52 -19.82 38.99
N MET B 88 -13.60 -18.82 39.87
CA MET B 88 -14.13 -19.01 41.23
C MET B 88 -15.52 -19.58 41.17
N ASP B 89 -16.38 -18.98 40.36
CA ASP B 89 -17.76 -19.47 40.31
C ASP B 89 -17.91 -20.74 39.47
N THR B 90 -17.09 -20.89 38.42
CA THR B 90 -17.16 -22.07 37.56
C THR B 90 -16.67 -23.33 38.28
N LEU B 91 -15.58 -23.21 39.03
CA LEU B 91 -14.93 -24.34 39.68
C LEU B 91 -15.56 -24.69 41.04
N GLY B 92 -16.27 -23.75 41.65
CA GLY B 92 -16.87 -24.03 42.95
C GLY B 92 -15.93 -23.81 44.10
N ILE B 93 -15.00 -22.87 43.97
CA ILE B 93 -14.02 -22.55 45.00
C ILE B 93 -14.50 -21.29 45.68
N GLU B 94 -14.80 -21.36 46.96
CA GLU B 94 -15.32 -20.20 47.67
C GLU B 94 -14.22 -19.49 48.43
N TYR B 95 -14.45 -18.19 48.67
CA TYR B 95 -13.54 -17.41 49.49
C TYR B 95 -13.84 -17.62 50.96
N GLY B 96 -12.81 -17.49 51.80
CA GLY B 96 -13.02 -17.63 53.23
C GLY B 96 -13.93 -16.54 53.76
N ASP B 97 -13.76 -15.33 53.24
CA ASP B 97 -14.57 -14.18 53.62
C ASP B 97 -15.60 -13.96 52.52
N LYS B 98 -16.88 -14.26 52.81
CA LYS B 98 -17.90 -14.15 51.78
C LYS B 98 -18.05 -12.73 51.27
N GLU B 99 -17.60 -11.73 52.03
CA GLU B 99 -17.71 -10.36 51.57
C GLU B 99 -16.88 -10.15 50.32
N ARG B 100 -15.79 -10.88 50.19
CA ARG B 100 -14.92 -10.73 49.04
C ARG B 100 -15.62 -11.11 47.75
N LYS B 101 -16.75 -11.83 47.83
CA LYS B 101 -17.46 -12.12 46.60
C LYS B 101 -18.02 -10.85 46.00
N ALA B 102 -18.41 -9.90 46.85
CA ALA B 102 -18.91 -8.65 46.31
C ALA B 102 -17.77 -7.91 45.63
N ASP B 103 -16.57 -8.06 46.19
CA ASP B 103 -15.41 -7.42 45.59
C ASP B 103 -15.11 -8.07 44.26
N ALA B 104 -15.33 -9.39 44.20
CA ALA B 104 -15.09 -10.10 42.95
C ALA B 104 -16.03 -9.58 41.88
N LYS B 105 -17.28 -9.28 42.28
CA LYS B 105 -18.23 -8.74 41.33
C LYS B 105 -17.74 -7.40 40.81
N MET B 106 -17.22 -6.55 41.70
CA MET B 106 -16.73 -5.25 41.24
C MET B 106 -15.70 -5.44 40.15
N VAL B 107 -14.77 -6.40 40.32
CA VAL B 107 -13.73 -6.57 39.32
C VAL B 107 -14.35 -6.96 37.99
N CYS B 108 -15.31 -7.89 38.02
CA CYS B 108 -15.95 -8.28 36.77
C CYS B 108 -16.66 -7.10 36.14
N ASP B 109 -17.28 -6.24 36.95
CA ASP B 109 -17.95 -5.11 36.35
C ASP B 109 -16.95 -4.15 35.75
N VAL B 110 -15.78 -4.00 36.37
CA VAL B 110 -14.76 -3.14 35.79
C VAL B 110 -14.40 -3.67 34.42
N VAL B 111 -14.25 -4.98 34.31
CA VAL B 111 -13.90 -5.59 33.03
C VAL B 111 -15.07 -5.49 32.07
N SER B 112 -16.29 -5.81 32.53
CA SER B 112 -17.42 -5.77 31.61
C SER B 112 -17.77 -4.36 31.17
N ARG B 113 -17.42 -3.35 31.98
CA ARG B 113 -17.65 -1.96 31.60
C ARG B 113 -16.54 -1.43 30.70
N MET B 114 -15.51 -2.24 30.45
CA MET B 114 -14.37 -1.88 29.61
C MET B 114 -13.58 -0.74 30.26
N GLU B 115 -13.52 -0.76 31.59
CA GLU B 115 -12.85 0.25 32.41
C GLU B 115 -11.54 -0.23 33.00
N ASP B 116 -11.01 -1.36 32.53
CA ASP B 116 -9.81 -1.94 33.09
C ASP B 116 -8.53 -1.26 32.63
N THR B 117 -8.66 -0.21 31.82
CA THR B 117 -7.53 0.58 31.36
C THR B 117 -7.53 1.95 32.03
N GLU B 118 -8.54 2.23 32.84
CA GLU B 118 -8.75 3.50 33.50
C GLU B 118 -7.87 3.61 34.74
N PRO B 119 -7.62 4.83 35.22
CA PRO B 119 -6.83 5.00 36.44
C PRO B 119 -7.36 4.12 37.57
N PHE B 120 -6.44 3.52 38.30
CA PHE B 120 -6.76 2.55 39.34
C PHE B 120 -7.00 3.28 40.66
N SER B 121 -8.23 3.21 41.15
CA SER B 121 -8.63 3.90 42.37
C SER B 121 -8.18 3.14 43.62
N ALA B 122 -8.26 3.84 44.75
CA ALA B 122 -7.95 3.23 46.04
C ALA B 122 -8.92 2.11 46.37
N GLU B 123 -10.20 2.26 45.97
CA GLU B 123 -11.19 1.25 46.26
C GLU B 123 -10.89 -0.02 45.48
N LEU B 124 -10.46 0.14 44.22
CA LEU B 124 -10.11 -1.02 43.41
C LEU B 124 -8.91 -1.72 43.99
N LEU B 125 -7.93 -0.96 44.51
CA LEU B 125 -6.77 -1.62 45.09
C LEU B 125 -7.16 -2.37 46.36
N SER B 126 -7.99 -1.74 47.20
CA SER B 126 -8.36 -2.38 48.45
C SER B 126 -9.10 -3.68 48.20
N ALA B 127 -10.09 -3.65 47.30
CA ALA B 127 -10.87 -4.84 47.01
C ALA B 127 -10.03 -5.91 46.32
N MET B 128 -9.19 -5.51 45.37
CA MET B 128 -8.42 -6.53 44.66
C MET B 128 -7.36 -7.15 45.56
N MET B 129 -6.78 -6.36 46.47
CA MET B 129 -5.80 -6.94 47.39
C MET B 129 -6.49 -7.90 48.35
N ARG B 130 -7.73 -7.56 48.74
CA ARG B 130 -8.47 -8.48 49.60
C ARG B 130 -8.74 -9.78 48.87
N LEU B 131 -9.08 -9.68 47.58
CA LEU B 131 -9.35 -10.87 46.78
C LEU B 131 -8.10 -11.72 46.60
N TRP B 132 -6.96 -11.08 46.34
CA TRP B 132 -5.73 -11.81 46.06
C TRP B 132 -5.22 -12.61 47.25
N GLY B 133 -5.43 -12.11 48.47
CA GLY B 133 -4.91 -12.82 49.62
C GLY B 133 -5.71 -14.02 50.04
N ASP B 134 -6.86 -14.26 49.40
CA ASP B 134 -7.70 -15.39 49.76
C ASP B 134 -7.14 -16.67 49.14
N SER B 135 -7.18 -17.74 49.94
CA SER B 135 -6.69 -19.03 49.47
C SER B 135 -7.48 -19.56 48.28
N GLY B 136 -8.71 -19.09 48.09
CA GLY B 136 -9.47 -19.57 46.95
C GLY B 136 -8.97 -19.03 45.63
N ILE B 137 -8.25 -17.91 45.64
CA ILE B 137 -7.78 -17.36 44.37
C ILE B 137 -6.54 -18.16 43.97
N GLN B 138 -5.75 -18.57 44.97
CA GLN B 138 -4.57 -19.37 44.68
C GLN B 138 -5.01 -20.75 44.24
N GLU B 139 -6.14 -21.22 44.80
CA GLU B 139 -6.66 -22.52 44.38
C GLU B 139 -7.19 -22.43 42.96
N CYS B 140 -7.80 -21.29 42.60
CA CYS B 140 -8.25 -21.11 41.22
C CYS B 140 -7.08 -21.25 40.27
N PHE B 141 -5.91 -20.77 40.68
CA PHE B 141 -4.73 -20.99 39.85
C PHE B 141 -4.31 -22.46 39.91
N ASN B 142 -4.45 -23.08 41.08
CA ASN B 142 -4.11 -24.49 41.23
C ASN B 142 -4.98 -25.33 40.31
N ARG B 143 -6.20 -24.86 40.02
CA ARG B 143 -7.14 -25.49 39.12
C ARG B 143 -7.23 -24.73 37.80
N SER B 144 -6.13 -24.07 37.43
CA SER B 144 -6.04 -23.34 36.16
C SER B 144 -6.07 -24.29 34.97
N ARG B 145 -5.93 -25.58 35.23
CA ARG B 145 -5.99 -26.61 34.20
C ARG B 145 -7.42 -26.83 33.73
N GLU B 146 -8.40 -26.48 34.56
CA GLU B 146 -9.81 -26.63 34.24
C GLU B 146 -10.38 -25.32 33.69
N TYR B 147 -10.04 -24.20 34.32
CA TYR B 147 -10.42 -22.87 33.86
C TYR B 147 -9.11 -22.19 33.52
N GLN B 148 -8.99 -21.63 32.31
CA GLN B 148 -7.70 -21.11 31.88
C GLN B 148 -7.44 -19.71 32.41
N LEU B 149 -6.32 -19.55 33.13
CA LEU B 149 -5.89 -18.31 33.75
C LEU B 149 -4.52 -17.90 33.22
N ASN B 150 -4.26 -16.59 33.25
CA ASN B 150 -3.00 -16.00 32.82
C ASN B 150 -2.00 -15.99 33.98
N ASP B 151 -0.93 -16.80 33.86
CA ASP B 151 0.06 -16.89 34.93
C ASP B 151 0.91 -15.62 35.05
N SER B 152 1.10 -14.90 33.95
CA SER B 152 1.88 -13.67 34.03
C SER B 152 1.09 -12.66 34.83
N ALA B 153 -0.22 -12.65 34.60
CA ALA B 153 -1.08 -11.79 35.38
C ALA B 153 -1.03 -12.20 36.83
N LYS B 154 -0.93 -13.51 37.10
CA LYS B 154 -0.78 -13.96 38.48
C LYS B 154 0.41 -13.27 39.13
N TYR B 155 1.53 -13.24 38.39
CA TYR B 155 2.71 -12.53 38.90
C TYR B 155 2.38 -11.09 39.22
N TYR B 156 1.72 -10.41 38.28
CA TYR B 156 1.44 -8.99 38.50
C TYR B 156 0.46 -8.78 39.64
N LEU B 157 -0.46 -9.73 39.86
CA LEU B 157 -1.40 -9.65 40.97
C LEU B 157 -0.69 -9.85 42.30
N ASP B 158 0.32 -10.73 42.35
CA ASP B 158 1.09 -10.85 43.58
C ASP B 158 1.77 -9.53 43.92
N SER B 159 2.16 -8.78 42.89
CA SER B 159 2.79 -7.48 42.99
C SER B 159 1.81 -6.32 42.81
N LEU B 160 0.49 -6.61 42.80
CA LEU B 160 -0.51 -5.59 42.52
C LEU B 160 -0.39 -4.37 43.41
N ASP B 161 0.05 -4.54 44.66
CA ASP B 161 0.17 -3.40 45.54
C ASP B 161 1.09 -2.35 44.93
N ARG B 162 2.13 -2.80 44.21
CA ARG B 162 3.04 -1.86 43.58
C ARG B 162 2.43 -1.28 42.32
N ILE B 163 1.72 -2.09 41.55
CA ILE B 163 1.12 -1.61 40.31
C ILE B 163 0.17 -0.48 40.61
N GLY B 164 -0.63 -0.64 41.67
CA GLY B 164 -1.56 0.36 42.11
C GLY B 164 -0.91 1.56 42.79
N ALA B 165 -0.26 1.32 43.93
CA ALA B 165 0.25 2.42 44.74
C ALA B 165 1.24 3.31 44.00
N ALA B 166 2.05 2.73 43.11
CA ALA B 166 3.04 3.55 42.42
C ALA B 166 2.44 4.40 41.32
N ASP B 167 1.22 4.10 40.88
CA ASP B 167 0.55 4.73 39.75
C ASP B 167 1.20 4.39 38.41
N TYR B 168 2.51 4.58 38.29
CA TYR B 168 3.23 4.23 37.07
C TYR B 168 4.58 3.60 37.38
N GLN B 169 4.89 2.50 36.69
CA GLN B 169 6.17 1.81 36.72
C GLN B 169 6.35 1.09 35.39
N PRO B 170 7.42 1.39 34.65
CA PRO B 170 7.61 0.78 33.33
C PRO B 170 7.34 -0.72 33.28
N THR B 171 8.02 -1.52 34.10
CA THR B 171 7.74 -2.96 34.10
C THR B 171 8.19 -3.59 35.40
N GLU B 172 7.57 -4.72 35.70
CA GLU B 172 7.96 -5.58 36.79
C GLU B 172 8.57 -6.89 36.29
N GLN B 173 8.58 -7.10 34.97
CA GLN B 173 9.14 -8.28 34.34
C GLN B 173 9.91 -7.90 33.09
N ASP B 174 10.95 -8.67 32.81
CA ASP B 174 11.79 -8.48 31.63
C ASP B 174 11.32 -9.36 30.46
N ILE B 175 10.17 -10.00 30.61
CA ILE B 175 9.61 -10.86 29.57
C ILE B 175 9.11 -10.04 28.39
N LEU B 176 8.92 -8.73 28.60
CA LEU B 176 8.43 -7.83 27.58
C LEU B 176 7.03 -8.22 27.07
N ARG B 177 6.24 -8.70 28.03
CA ARG B 177 4.85 -9.16 27.77
C ARG B 177 4.94 -10.48 27.01
N THR B 178 6.15 -10.87 26.61
CA THR B 178 6.41 -12.14 25.86
C THR B 178 5.87 -12.00 24.44
N ARG B 179 4.56 -11.76 24.32
CA ARG B 179 3.93 -11.67 22.99
C ARG B 179 4.22 -12.99 22.30
N VAL B 180 4.27 -14.07 23.07
CA VAL B 180 4.63 -15.40 22.49
C VAL B 180 3.51 -15.73 21.51
N LYS B 181 2.29 -15.43 21.92
CA LYS B 181 1.12 -15.70 21.06
C LYS B 181 1.13 -14.65 19.95
N THR B 182 1.75 -13.51 20.20
CA THR B 182 1.67 -12.48 19.15
C THR B 182 2.29 -13.05 17.90
N THR B 183 3.46 -13.69 18.00
CA THR B 183 3.95 -14.37 16.80
C THR B 183 3.87 -13.32 15.69
N GLY B 184 3.23 -13.64 14.57
CA GLY B 184 2.96 -12.65 13.50
C GLY B 184 4.19 -11.98 12.93
N ILE B 185 4.15 -10.65 12.81
CA ILE B 185 5.28 -9.90 12.20
C ILE B 185 6.06 -9.23 13.32
N VAL B 186 7.38 -9.36 13.31
CA VAL B 186 8.15 -8.81 14.41
C VAL B 186 8.95 -7.65 13.84
N GLU B 187 8.66 -6.45 14.30
CA GLU B 187 9.30 -5.25 13.78
C GLU B 187 10.52 -4.92 14.62
N THR B 188 11.67 -4.79 13.98
CA THR B 188 12.90 -4.42 14.64
C THR B 188 13.28 -3.03 14.15
N HIS B 189 13.42 -2.08 15.07
CA HIS B 189 13.77 -0.73 14.68
C HIS B 189 15.19 -0.44 15.13
N PHE B 190 15.94 0.25 14.28
CA PHE B 190 17.31 0.59 14.64
C PHE B 190 17.77 1.75 13.78
N THR B 191 18.89 2.35 14.19
CA THR B 191 19.54 3.35 13.35
C THR B 191 20.99 2.96 13.15
N PHE B 192 21.57 3.51 12.09
CA PHE B 192 22.99 3.36 11.81
C PHE B 192 23.41 4.58 11.01
N LYS B 193 24.49 5.22 11.45
CA LYS B 193 24.95 6.44 10.81
C LYS B 193 23.78 7.41 10.79
N ASN B 194 23.38 7.85 9.60
CA ASN B 194 22.29 8.80 9.45
C ASN B 194 20.98 8.19 8.97
N LEU B 195 20.84 6.86 8.96
CA LEU B 195 19.60 6.25 8.50
C LEU B 195 18.88 5.46 9.59
N HIS B 196 17.56 5.57 9.58
CA HIS B 196 16.69 4.77 10.42
C HIS B 196 16.19 3.60 9.58
N PHE B 197 16.06 2.44 10.22
CA PHE B 197 15.58 1.25 9.54
C PHE B 197 14.49 0.56 10.35
N ARG B 198 13.54 -0.02 9.62
CA ARG B 198 12.49 -0.89 10.15
C ARG B 198 12.62 -2.23 9.42
N LEU B 199 13.01 -3.26 10.15
CA LEU B 199 13.18 -4.60 9.60
C LEU B 199 11.96 -5.42 9.99
N PHE B 200 11.30 -6.00 9.00
CA PHE B 200 10.09 -6.77 9.26
C PHE B 200 10.46 -8.25 9.19
N ASP B 201 10.55 -8.88 10.36
CA ASP B 201 10.91 -10.28 10.52
C ASP B 201 9.61 -11.04 10.48
N VAL B 202 9.23 -11.51 9.28
CA VAL B 202 7.91 -12.09 9.14
C VAL B 202 8.05 -13.59 9.36
N GLY B 203 8.22 -13.97 10.62
CA GLY B 203 8.45 -15.36 10.97
C GLY B 203 7.22 -16.15 11.35
N GLY B 204 6.16 -15.47 11.81
CA GLY B 204 4.99 -16.16 12.27
C GLY B 204 3.87 -16.36 11.27
N GLN B 205 4.03 -15.90 10.03
CA GLN B 205 2.97 -15.97 9.04
C GLN B 205 3.03 -17.33 8.34
N ARG B 206 2.53 -18.34 9.06
CA ARG B 206 2.46 -19.70 8.54
C ARG B 206 1.14 -19.79 7.76
N SER B 207 1.12 -19.07 6.65
CA SER B 207 -0.07 -18.83 5.85
C SER B 207 0.36 -18.58 4.42
N GLU B 208 -0.61 -18.44 3.53
CA GLU B 208 -0.33 -18.26 2.11
C GLU B 208 0.30 -16.89 1.86
N ARG B 209 1.49 -16.90 1.27
CA ARG B 209 2.28 -15.70 1.02
C ARG B 209 1.64 -14.80 -0.04
N LYS B 210 0.93 -15.41 -0.97
CA LYS B 210 0.35 -14.60 -2.05
C LYS B 210 -0.52 -13.55 -1.37
N LYS B 211 -1.34 -13.98 -0.42
CA LYS B 211 -2.31 -13.04 0.19
C LYS B 211 -1.61 -11.90 0.95
N TRP B 212 -0.55 -12.17 1.71
CA TRP B 212 0.04 -11.06 2.53
C TRP B 212 1.28 -10.40 1.92
N ILE B 213 1.88 -10.94 0.86
CA ILE B 213 3.16 -10.36 0.35
C ILE B 213 2.94 -8.94 -0.15
N HIS B 214 1.82 -8.68 -0.83
CA HIS B 214 1.59 -7.35 -1.45
C HIS B 214 1.71 -6.21 -0.43
N CYS B 215 1.57 -6.50 0.86
CA CYS B 215 1.56 -5.40 1.81
C CYS B 215 2.95 -4.79 1.96
N PHE B 216 3.97 -5.49 1.47
CA PHE B 216 5.36 -5.06 1.53
C PHE B 216 5.87 -4.59 0.17
N GLU B 217 4.95 -4.35 -0.77
CA GLU B 217 5.33 -3.94 -2.12
C GLU B 217 6.24 -2.71 -2.12
N ASP B 218 6.03 -1.79 -1.18
CA ASP B 218 6.80 -0.55 -1.11
C ASP B 218 8.02 -0.65 -0.20
N VAL B 219 8.44 -1.87 0.17
CA VAL B 219 9.62 -2.04 0.99
C VAL B 219 10.85 -1.56 0.23
N THR B 220 11.77 -0.89 0.94
CA THR B 220 12.97 -0.41 0.27
C THR B 220 13.80 -1.57 -0.24
N ALA B 221 13.98 -2.61 0.57
CA ALA B 221 14.79 -3.73 0.11
C ALA B 221 14.36 -5.01 0.80
N ILE B 222 14.69 -6.13 0.16
CA ILE B 222 14.43 -7.44 0.76
C ILE B 222 15.76 -8.05 1.16
N ILE B 223 15.85 -8.50 2.41
CA ILE B 223 17.00 -9.20 2.94
C ILE B 223 16.63 -10.66 2.96
N PHE B 224 17.44 -11.50 2.32
CA PHE B 224 17.13 -12.91 2.20
C PHE B 224 18.31 -13.66 2.77
N CYS B 225 18.04 -14.55 3.73
CA CYS B 225 19.10 -15.29 4.40
C CYS B 225 19.04 -16.78 4.12
N VAL B 226 20.16 -17.35 3.68
CA VAL B 226 20.27 -18.78 3.41
C VAL B 226 21.51 -19.26 4.14
N ALA B 227 21.61 -20.57 4.32
CA ALA B 227 22.79 -21.14 4.96
C ALA B 227 23.58 -21.97 3.97
N LEU B 228 24.89 -21.75 3.94
CA LEU B 228 25.77 -22.53 3.08
C LEU B 228 25.84 -23.98 3.52
N SER B 229 25.76 -24.21 4.84
CA SER B 229 25.84 -25.55 5.40
C SER B 229 24.65 -26.39 5.00
N GLY B 230 23.65 -25.79 4.40
CA GLY B 230 22.46 -26.50 3.98
C GLY B 230 22.66 -27.21 2.67
N TYR B 231 23.86 -27.11 2.08
CA TYR B 231 24.08 -27.72 0.77
C TYR B 231 23.82 -29.22 0.81
N ASP B 232 23.97 -29.86 1.97
CA ASP B 232 23.70 -31.28 2.10
C ASP B 232 22.79 -31.61 3.28
N GLN B 233 22.08 -30.62 3.81
CA GLN B 233 21.26 -30.80 5.01
C GLN B 233 19.82 -31.09 4.58
N VAL B 234 19.37 -32.31 4.82
CA VAL B 234 18.04 -32.77 4.42
C VAL B 234 17.27 -33.13 5.69
N LEU B 235 16.11 -32.51 5.87
CA LEU B 235 15.25 -32.84 7.00
C LEU B 235 14.20 -33.84 6.54
N HIS B 236 13.63 -34.59 7.49
CA HIS B 236 12.58 -35.53 7.12
C HIS B 236 11.37 -34.78 6.58
N GLU B 237 11.13 -33.58 7.11
CA GLU B 237 10.02 -32.74 6.67
C GLU B 237 10.19 -32.24 5.24
N ASP B 238 11.41 -32.32 4.70
CA ASP B 238 11.71 -31.81 3.37
C ASP B 238 11.58 -32.86 2.26
N GLU B 239 11.18 -34.09 2.59
CA GLU B 239 10.95 -35.15 1.61
C GLU B 239 12.13 -35.35 0.66
N THR B 240 13.32 -35.53 1.23
CA THR B 240 14.61 -35.75 0.57
C THR B 240 15.22 -34.48 -0.03
N THR B 241 14.51 -33.37 -0.08
CA THR B 241 15.07 -32.15 -0.63
C THR B 241 15.91 -31.47 0.44
N ASN B 242 17.03 -30.89 0.05
CA ASN B 242 17.85 -30.23 1.06
C ASN B 242 17.49 -28.75 1.23
N ARG B 243 18.08 -28.13 2.25
CA ARG B 243 17.84 -26.72 2.53
C ARG B 243 18.30 -25.81 1.41
N MET B 244 19.40 -26.15 0.73
CA MET B 244 19.87 -25.30 -0.36
C MET B 244 18.84 -25.19 -1.47
N HIS B 245 18.19 -26.30 -1.81
CA HIS B 245 17.18 -26.24 -2.88
C HIS B 245 15.92 -25.53 -2.41
N GLU B 246 15.53 -25.70 -1.14
CA GLU B 246 14.35 -24.97 -0.68
C GLU B 246 14.65 -23.48 -0.66
N SER B 247 15.88 -23.12 -0.31
CA SER B 247 16.29 -21.72 -0.25
C SER B 247 16.30 -21.12 -1.64
N LEU B 248 16.81 -21.87 -2.62
CA LEU B 248 16.82 -21.38 -3.99
C LEU B 248 15.42 -21.27 -4.57
N MET B 249 14.54 -22.23 -4.26
CA MET B 249 13.19 -22.17 -4.80
C MET B 249 12.43 -20.98 -4.22
N LEU B 250 12.61 -20.70 -2.93
CA LEU B 250 11.93 -19.56 -2.35
C LEU B 250 12.54 -18.27 -2.91
N PHE B 251 13.86 -18.25 -3.06
CA PHE B 251 14.52 -17.06 -3.58
C PHE B 251 13.99 -16.75 -4.97
N ASP B 252 13.89 -17.77 -5.82
CA ASP B 252 13.40 -17.56 -7.17
C ASP B 252 11.94 -17.10 -7.14
N SER B 253 11.13 -17.68 -6.25
CA SER B 253 9.73 -17.29 -6.16
C SER B 253 9.57 -15.81 -5.79
N ILE B 254 10.34 -15.34 -4.82
CA ILE B 254 10.26 -13.93 -4.43
C ILE B 254 10.90 -13.01 -5.48
N CYS B 255 12.01 -13.45 -6.09
CA CYS B 255 12.71 -12.63 -7.08
C CYS B 255 11.82 -12.27 -8.26
N ASN B 256 10.98 -13.20 -8.69
CA ASN B 256 10.13 -12.97 -9.85
C ASN B 256 8.68 -12.71 -9.48
N ASN B 257 8.44 -12.33 -8.23
CA ASN B 257 7.10 -11.99 -7.79
C ASN B 257 6.69 -10.67 -8.43
N LYS B 258 5.45 -10.61 -8.92
CA LYS B 258 4.97 -9.42 -9.62
C LYS B 258 5.01 -8.17 -8.76
N PHE B 259 5.05 -8.29 -7.44
CA PHE B 259 5.07 -7.09 -6.60
C PHE B 259 6.48 -6.63 -6.26
N PHE B 260 7.50 -7.42 -6.61
CA PHE B 260 8.89 -7.11 -6.26
C PHE B 260 9.79 -7.07 -7.49
N ILE B 261 9.23 -6.71 -8.64
CA ILE B 261 9.97 -6.74 -9.89
C ILE B 261 11.18 -5.79 -9.82
N ASP B 262 11.01 -4.63 -9.19
CA ASP B 262 12.08 -3.66 -9.06
C ASP B 262 12.62 -3.53 -7.63
N THR B 263 12.38 -4.51 -6.76
CA THR B 263 12.86 -4.43 -5.39
C THR B 263 14.16 -5.21 -5.24
N SER B 264 15.22 -4.51 -4.86
CA SER B 264 16.54 -5.11 -4.72
C SER B 264 16.60 -6.09 -3.55
N ILE B 265 17.48 -7.07 -3.67
CA ILE B 265 17.66 -8.11 -2.66
C ILE B 265 19.09 -8.10 -2.14
N ILE B 266 19.22 -8.17 -0.82
CA ILE B 266 20.47 -8.26 -0.09
C ILE B 266 20.53 -9.70 0.40
N LEU B 267 21.41 -10.50 -0.18
CA LEU B 267 21.46 -11.93 0.09
C LEU B 267 22.61 -12.27 1.02
N PHE B 268 22.30 -12.88 2.15
CA PHE B 268 23.32 -13.31 3.10
C PHE B 268 23.47 -14.82 3.04
N LEU B 269 24.72 -15.26 2.88
CA LEU B 269 25.09 -16.67 2.85
C LEU B 269 25.74 -16.92 4.21
N ASN B 270 25.00 -17.53 5.13
CA ASN B 270 25.46 -17.64 6.51
C ASN B 270 26.15 -18.97 6.73
N LYS B 271 26.64 -19.18 7.95
CA LYS B 271 27.31 -20.42 8.36
C LYS B 271 28.45 -20.79 7.41
N LYS B 272 29.27 -19.79 7.05
CA LYS B 272 30.40 -20.05 6.16
C LYS B 272 31.47 -20.94 6.80
N ASP B 273 31.54 -20.99 8.12
CA ASP B 273 32.55 -21.81 8.79
C ASP B 273 32.15 -23.27 8.74
N LEU B 274 30.89 -23.55 9.04
CA LEU B 274 30.41 -24.93 8.98
C LEU B 274 30.48 -25.42 7.54
N PHE B 275 30.16 -24.55 6.59
CA PHE B 275 30.24 -24.91 5.18
C PHE B 275 31.66 -25.27 4.79
N GLY B 276 32.62 -24.39 5.13
CA GLY B 276 34.00 -24.64 4.76
C GLY B 276 34.53 -25.94 5.35
N GLU B 277 34.12 -26.25 6.58
CA GLU B 277 34.58 -27.50 7.18
C GLU B 277 33.88 -28.70 6.56
N LYS B 278 32.56 -28.60 6.35
CA LYS B 278 31.77 -29.71 5.81
C LYS B 278 32.20 -30.10 4.41
N ILE B 279 32.55 -29.13 3.56
CA ILE B 279 32.89 -29.44 2.17
C ILE B 279 34.17 -30.26 2.03
N LYS B 280 34.84 -30.57 3.15
CA LYS B 280 35.98 -31.49 3.04
C LYS B 280 35.48 -32.83 2.51
N LYS B 281 34.26 -33.20 2.90
CA LYS B 281 33.67 -34.48 2.45
C LYS B 281 32.51 -34.16 1.50
N SER B 282 32.47 -34.83 0.34
CA SER B 282 31.34 -34.63 -0.60
C SER B 282 31.20 -33.12 -0.81
N PRO B 283 32.19 -32.39 -1.42
CA PRO B 283 32.13 -30.91 -1.52
C PRO B 283 31.14 -30.37 -2.57
N LEU B 284 29.88 -30.17 -2.21
CA LEU B 284 28.85 -29.54 -3.10
C LEU B 284 28.30 -30.58 -4.06
N THR B 285 28.77 -31.82 -3.95
CA THR B 285 28.23 -32.92 -4.80
C THR B 285 26.76 -33.17 -4.48
N ILE B 286 26.37 -33.14 -3.20
CA ILE B 286 24.99 -33.56 -2.80
C ILE B 286 23.87 -32.68 -3.40
N CYS B 287 24.02 -31.35 -3.44
CA CYS B 287 22.88 -30.51 -3.90
C CYS B 287 23.04 -30.22 -5.39
N PHE B 288 24.27 -29.95 -5.80
CA PHE B 288 24.61 -29.63 -7.18
C PHE B 288 25.52 -30.72 -7.74
N PRO B 289 24.97 -31.90 -8.04
CA PRO B 289 25.81 -33.00 -8.55
C PRO B 289 26.58 -32.62 -9.80
N GLU B 290 26.08 -31.66 -10.58
CA GLU B 290 26.73 -31.20 -11.80
C GLU B 290 27.91 -30.28 -11.54
N TYR B 291 28.11 -29.81 -10.32
CA TYR B 291 29.21 -28.90 -10.03
C TYR B 291 30.57 -29.55 -10.28
N THR B 292 31.41 -28.85 -11.02
CA THR B 292 32.77 -29.27 -11.30
C THR B 292 33.71 -28.14 -10.95
N GLY B 293 34.74 -28.43 -10.16
CA GLY B 293 35.69 -27.42 -9.77
C GLY B 293 36.52 -27.85 -8.57
N PRO B 294 37.44 -26.99 -8.13
CA PRO B 294 38.26 -27.32 -6.97
C PRO B 294 37.39 -27.57 -5.74
N ASN B 295 37.84 -28.51 -4.91
CA ASN B 295 37.12 -28.84 -3.68
C ASN B 295 37.57 -27.90 -2.57
N THR B 296 37.23 -26.63 -2.75
CA THR B 296 37.69 -25.56 -1.90
C THR B 296 36.52 -24.71 -1.44
N TYR B 297 36.78 -23.96 -0.37
CA TYR B 297 35.83 -23.00 0.17
C TYR B 297 35.45 -21.94 -0.86
N GLU B 298 36.47 -21.34 -1.49
CA GLU B 298 36.22 -20.22 -2.41
C GLU B 298 35.44 -20.65 -3.65
N ASP B 299 35.73 -21.83 -4.19
CA ASP B 299 35.03 -22.18 -5.43
C ASP B 299 33.64 -22.71 -5.15
N ALA B 300 33.46 -23.43 -4.05
CA ALA B 300 32.12 -23.91 -3.75
C ALA B 300 31.22 -22.72 -3.43
N ALA B 301 31.77 -21.74 -2.69
CA ALA B 301 30.99 -20.56 -2.36
C ALA B 301 30.66 -19.77 -3.60
N ALA B 302 31.62 -19.66 -4.53
CA ALA B 302 31.35 -18.92 -5.76
C ALA B 302 30.25 -19.59 -6.55
N TYR B 303 30.26 -20.93 -6.61
CA TYR B 303 29.23 -21.63 -7.37
C TYR B 303 27.86 -21.40 -6.75
N ILE B 304 27.77 -21.51 -5.41
CA ILE B 304 26.48 -21.33 -4.75
C ILE B 304 25.98 -19.91 -4.98
N GLN B 305 26.87 -18.92 -4.82
CA GLN B 305 26.43 -17.55 -5.02
C GLN B 305 25.93 -17.38 -6.45
N ALA B 306 26.62 -17.99 -7.41
CA ALA B 306 26.17 -17.89 -8.80
C ALA B 306 24.78 -18.49 -8.95
N GLN B 307 24.49 -19.55 -8.18
CA GLN B 307 23.18 -20.18 -8.28
C GLN B 307 22.10 -19.24 -7.79
N PHE B 308 22.44 -18.37 -6.84
CA PHE B 308 21.45 -17.40 -6.40
C PHE B 308 21.39 -16.21 -7.36
N GLU B 309 22.56 -15.79 -7.87
CA GLU B 309 22.63 -14.64 -8.76
C GLU B 309 21.84 -14.86 -10.03
N SER B 310 21.82 -16.10 -10.52
CA SER B 310 21.16 -16.42 -11.79
C SER B 310 19.65 -16.25 -11.74
N LYS B 311 19.07 -16.04 -10.57
CA LYS B 311 17.63 -15.90 -10.44
C LYS B 311 17.16 -14.46 -10.63
N ASN B 312 18.07 -13.51 -10.81
CA ASN B 312 17.71 -12.11 -11.05
C ASN B 312 17.53 -11.88 -12.55
N ARG B 313 16.28 -11.72 -12.98
CA ARG B 313 15.94 -11.59 -14.40
C ARG B 313 15.42 -10.19 -14.73
N SER B 314 15.63 -9.20 -13.86
CA SER B 314 15.14 -7.86 -14.13
C SER B 314 16.29 -6.87 -14.30
N PRO B 315 16.27 -6.05 -15.36
CA PRO B 315 17.36 -5.10 -15.57
C PRO B 315 17.42 -4.00 -14.53
N ASN B 316 16.36 -3.81 -13.74
CA ASN B 316 16.30 -2.77 -12.73
C ASN B 316 16.48 -3.31 -11.32
N LYS B 317 16.97 -4.55 -11.19
CA LYS B 317 17.17 -5.20 -9.90
C LYS B 317 18.58 -5.73 -9.84
N GLU B 318 19.11 -5.79 -8.62
CA GLU B 318 20.42 -6.35 -8.36
C GLU B 318 20.38 -7.13 -7.05
N ILE B 319 21.29 -8.09 -6.93
CA ILE B 319 21.41 -8.88 -5.71
C ILE B 319 22.77 -8.61 -5.09
N TYR B 320 22.76 -8.21 -3.83
CA TYR B 320 23.98 -7.97 -3.09
C TYR B 320 24.29 -9.25 -2.34
N CYS B 321 25.56 -9.64 -2.35
CA CYS B 321 25.92 -10.87 -1.66
C CYS B 321 27.03 -10.61 -0.67
N HIS B 322 26.92 -11.25 0.48
CA HIS B 322 27.91 -11.20 1.54
C HIS B 322 27.87 -12.52 2.29
N MET B 323 29.05 -13.03 2.63
CA MET B 323 29.15 -14.27 3.38
C MET B 323 29.31 -13.88 4.84
N THR B 324 28.63 -14.60 5.73
CA THR B 324 28.69 -14.27 7.14
C THR B 324 28.99 -15.49 7.99
N CYS B 325 29.24 -15.19 9.27
CA CYS B 325 29.52 -16.15 10.32
C CYS B 325 28.84 -15.58 11.57
N ALA B 326 28.34 -16.47 12.43
CA ALA B 326 27.65 -15.98 13.62
C ALA B 326 28.53 -15.02 14.41
N THR B 327 29.84 -15.23 14.40
CA THR B 327 30.77 -14.39 15.12
C THR B 327 31.30 -13.24 14.27
N ASP B 328 30.84 -13.15 13.02
CA ASP B 328 31.25 -12.08 12.10
C ASP B 328 30.28 -10.91 12.26
N THR B 329 30.77 -9.81 12.80
CA THR B 329 29.91 -8.68 13.15
C THR B 329 29.74 -7.68 12.02
N ASN B 330 30.37 -7.90 10.86
CA ASN B 330 30.25 -6.94 9.76
C ASN B 330 28.98 -7.20 8.98
N ASN B 331 27.86 -6.90 9.63
CA ASN B 331 26.54 -7.11 9.05
C ASN B 331 25.76 -5.82 8.86
N ILE B 332 25.96 -4.84 9.74
CA ILE B 332 25.17 -3.61 9.69
C ILE B 332 25.68 -2.71 8.57
N GLN B 333 27.00 -2.67 8.37
CA GLN B 333 27.57 -1.85 7.31
C GLN B 333 27.21 -2.39 5.94
N VAL B 334 27.10 -3.71 5.81
CA VAL B 334 26.78 -4.31 4.52
C VAL B 334 25.38 -3.92 4.11
N VAL B 335 24.42 -4.02 5.03
CA VAL B 335 23.06 -3.64 4.73
C VAL B 335 22.99 -2.14 4.46
N PHE B 336 23.68 -1.34 5.29
CA PHE B 336 23.67 0.11 5.10
C PHE B 336 24.15 0.48 3.71
N ASP B 337 25.28 -0.10 3.28
CA ASP B 337 25.84 0.23 1.98
C ASP B 337 24.94 -0.25 0.85
N ALA B 338 24.36 -1.44 1.01
CA ALA B 338 23.47 -1.95 -0.03
C ALA B 338 22.26 -1.04 -0.16
N VAL B 339 21.72 -0.59 0.96
CA VAL B 339 20.55 0.30 0.94
C VAL B 339 20.91 1.61 0.27
N THR B 340 22.09 2.15 0.59
CA THR B 340 22.52 3.40 -0.02
C THR B 340 22.59 3.26 -1.53
N ASP B 341 23.19 2.16 -2.01
CA ASP B 341 23.31 1.97 -3.45
C ASP B 341 21.96 1.73 -4.09
N ILE B 342 21.03 1.07 -3.39
CA ILE B 342 19.70 0.84 -3.93
C ILE B 342 18.97 2.16 -4.11
N ILE B 343 19.04 3.01 -3.09
CA ILE B 343 18.36 4.30 -3.16
C ILE B 343 18.98 5.16 -4.25
N ILE B 344 20.32 5.15 -4.35
CA ILE B 344 20.95 5.95 -5.40
C ILE B 344 20.52 5.45 -6.77
N ALA B 345 20.50 4.13 -6.99
CA ALA B 345 20.09 3.60 -8.27
C ALA B 345 18.65 4.00 -8.61
N ASN B 346 17.78 4.01 -7.60
CA ASN B 346 16.40 4.39 -7.86
C ASN B 346 16.29 5.88 -8.19
N ASN B 347 17.14 6.69 -7.58
CA ASN B 347 17.08 8.12 -7.83
C ASN B 347 17.65 8.41 -9.22
N LEU B 348 18.67 7.66 -9.61
CA LEU B 348 19.29 7.83 -10.92
C LEU B 348 18.32 7.43 -12.01
N ARG B 349 17.50 6.41 -11.76
CA ARG B 349 16.48 6.06 -12.75
C ARG B 349 15.38 7.11 -12.78
N GLY B 350 15.10 7.76 -11.65
CA GLY B 350 14.14 8.88 -11.68
C GLY B 350 14.58 9.94 -12.68
N CYS B 351 15.82 10.43 -12.58
CA CYS B 351 16.39 11.41 -13.54
C CYS B 351 16.44 10.75 -14.91
N GLY B 352 16.72 9.45 -14.96
CA GLY B 352 16.92 8.75 -16.25
C GLY B 352 18.38 8.72 -16.59
N LEU B 353 19.22 9.39 -15.80
CA LEU B 353 20.67 9.21 -16.00
C LEU B 353 20.90 7.76 -15.63
N TYR B 354 21.78 7.02 -16.32
CA TYR B 354 22.00 5.57 -16.08
C TYR B 354 21.07 4.76 -16.99
N SER C 20 -7.55 -49.45 5.96
CA SER C 20 -8.73 -50.14 6.48
C SER C 20 -9.82 -49.15 6.83
N GLU C 21 -9.83 -48.70 8.08
CA GLU C 21 -10.80 -47.70 8.50
C GLU C 21 -10.66 -46.42 7.70
N LEU C 22 -9.42 -46.03 7.38
CA LEU C 22 -9.19 -44.81 6.62
C LEU C 22 -9.79 -44.93 5.22
N ASP C 23 -9.70 -46.11 4.62
CA ASP C 23 -10.18 -46.25 3.26
C ASP C 23 -11.69 -46.35 3.24
N GLN C 24 -12.27 -46.96 4.28
CA GLN C 24 -13.72 -47.03 4.37
C GLN C 24 -14.29 -45.64 4.58
N LEU C 25 -13.63 -44.84 5.41
CA LEU C 25 -14.12 -43.49 5.66
C LEU C 25 -13.96 -42.61 4.42
N ARG C 26 -12.86 -42.77 3.69
CA ARG C 26 -12.67 -41.99 2.47
C ARG C 26 -13.73 -42.36 1.43
N GLN C 27 -14.03 -43.66 1.31
CA GLN C 27 -15.05 -44.07 0.35
C GLN C 27 -16.41 -43.56 0.77
N GLU C 28 -16.70 -43.56 2.08
CA GLU C 28 -17.98 -43.05 2.54
C GLU C 28 -18.09 -41.56 2.25
N ALA C 29 -16.98 -40.84 2.43
CA ALA C 29 -16.99 -39.40 2.14
C ALA C 29 -17.24 -39.16 0.66
N GLU C 30 -16.66 -40.00 -0.20
CA GLU C 30 -16.90 -39.83 -1.64
C GLU C 30 -18.34 -40.13 -1.98
N GLN C 31 -18.92 -41.15 -1.33
CA GLN C 31 -20.32 -41.50 -1.59
C GLN C 31 -21.23 -40.37 -1.13
N LEU C 32 -20.91 -39.77 0.01
CA LEU C 32 -21.73 -38.67 0.52
C LEU C 32 -21.62 -37.46 -0.38
N LYS C 33 -20.43 -37.17 -0.89
CA LYS C 33 -20.30 -36.05 -1.82
C LYS C 33 -21.10 -36.32 -3.09
N ASN C 34 -21.09 -37.57 -3.56
CA ASN C 34 -21.87 -37.89 -4.76
C ASN C 34 -23.35 -37.75 -4.50
N GLN C 35 -23.79 -38.14 -3.30
CA GLN C 35 -25.20 -38.01 -2.95
C GLN C 35 -25.58 -36.54 -2.86
N ILE C 36 -24.68 -35.71 -2.34
CA ILE C 36 -24.95 -34.28 -2.27
C ILE C 36 -25.05 -33.71 -3.68
N ARG C 37 -24.13 -34.09 -4.57
CA ARG C 37 -24.18 -33.61 -5.95
C ARG C 37 -25.49 -33.99 -6.62
N ASP C 38 -25.95 -35.22 -6.39
CA ASP C 38 -27.21 -35.64 -7.02
C ASP C 38 -28.39 -34.90 -6.40
N ALA C 39 -28.34 -34.67 -5.08
CA ALA C 39 -29.38 -33.88 -4.45
C ALA C 39 -29.41 -32.49 -5.03
N ARG C 40 -28.24 -31.99 -5.42
CA ARG C 40 -28.14 -30.68 -6.05
C ARG C 40 -28.79 -30.71 -7.42
N LYS C 41 -28.52 -31.76 -8.21
CA LYS C 41 -29.11 -31.86 -9.54
C LYS C 41 -30.63 -31.95 -9.47
N ALA C 42 -31.16 -32.53 -8.39
CA ALA C 42 -32.61 -32.65 -8.21
C ALA C 42 -33.31 -31.29 -8.24
N CYS C 43 -32.61 -30.23 -7.86
CA CYS C 43 -33.16 -28.89 -7.85
C CYS C 43 -32.61 -27.99 -8.93
N ALA C 44 -31.40 -28.26 -9.40
CA ALA C 44 -30.71 -27.42 -10.38
C ALA C 44 -31.22 -27.75 -11.79
N ASP C 45 -32.49 -27.43 -12.01
CA ASP C 45 -33.15 -27.65 -13.30
C ASP C 45 -33.70 -26.35 -13.87
N ALA C 46 -33.18 -25.21 -13.37
CA ALA C 46 -33.60 -23.88 -13.76
C ALA C 46 -32.44 -22.95 -13.42
N THR C 47 -32.47 -21.75 -13.99
CA THR C 47 -31.45 -20.76 -13.65
C THR C 47 -32.07 -19.37 -13.67
N LEU C 48 -31.47 -18.49 -12.86
CA LEU C 48 -31.92 -17.10 -12.80
C LEU C 48 -31.77 -16.43 -14.17
N SER C 49 -30.74 -16.81 -14.91
CA SER C 49 -30.42 -16.22 -16.21
C SER C 49 -31.49 -16.51 -17.25
N GLN C 50 -32.42 -17.43 -16.98
CA GLN C 50 -33.52 -17.73 -17.89
C GLN C 50 -34.83 -17.19 -17.35
N ILE C 51 -35.03 -17.27 -16.03
CA ILE C 51 -36.29 -16.84 -15.45
C ILE C 51 -36.41 -15.33 -15.57
N THR C 52 -35.27 -14.62 -15.56
CA THR C 52 -35.27 -13.16 -15.63
C THR C 52 -35.40 -12.63 -17.05
N ASN C 53 -35.64 -13.49 -18.05
CA ASN C 53 -35.87 -13.01 -19.40
C ASN C 53 -37.21 -12.29 -19.51
N ASN C 54 -38.05 -12.42 -18.48
CA ASN C 54 -39.36 -11.80 -18.42
C ASN C 54 -39.35 -10.45 -17.69
N ILE C 55 -38.19 -9.91 -17.35
CA ILE C 55 -38.15 -8.61 -16.67
C ILE C 55 -37.30 -7.64 -17.48
N ASP C 56 -37.62 -6.35 -17.32
CA ASP C 56 -36.86 -5.27 -17.93
C ASP C 56 -35.48 -5.11 -17.30
N PRO C 57 -34.50 -4.71 -18.11
CA PRO C 57 -33.18 -4.40 -17.56
C PRO C 57 -33.22 -3.09 -16.79
N VAL C 58 -32.24 -2.91 -15.90
CA VAL C 58 -32.13 -1.64 -15.19
C VAL C 58 -31.74 -0.50 -16.12
N GLY C 59 -31.17 -0.80 -17.27
CA GLY C 59 -30.76 0.23 -18.19
C GLY C 59 -29.35 0.65 -17.86
N ARG C 60 -28.94 1.78 -18.43
CA ARG C 60 -27.58 2.24 -18.23
C ARG C 60 -27.52 3.04 -16.93
N ILE C 61 -26.53 2.75 -16.11
CA ILE C 61 -26.30 3.46 -14.85
C ILE C 61 -25.06 4.31 -15.03
N GLN C 62 -25.20 5.61 -14.83
CA GLN C 62 -24.11 6.56 -15.00
C GLN C 62 -23.94 7.30 -13.69
N MET C 63 -23.20 6.69 -12.77
CA MET C 63 -23.00 7.28 -11.47
C MET C 63 -21.82 8.23 -11.56
N ARG C 64 -21.84 9.25 -10.73
CA ARG C 64 -20.76 10.22 -10.69
C ARG C 64 -20.32 10.40 -9.25
N THR C 65 -19.08 10.83 -9.08
CA THR C 65 -18.62 11.10 -7.74
C THR C 65 -19.25 12.40 -7.26
N ARG C 66 -19.66 12.41 -5.99
CA ARG C 66 -20.19 13.60 -5.36
C ARG C 66 -19.27 14.13 -4.28
N ARG C 67 -18.46 13.25 -3.70
CA ARG C 67 -17.51 13.63 -2.66
C ARG C 67 -16.23 12.87 -2.92
N THR C 68 -15.10 13.51 -2.65
CA THR C 68 -13.81 12.86 -2.65
C THR C 68 -13.22 13.05 -1.27
N LEU C 69 -12.77 11.96 -0.66
CA LEU C 69 -12.23 12.00 0.69
C LEU C 69 -10.73 11.79 0.64
N ARG C 70 -9.99 12.79 1.11
CA ARG C 70 -8.54 12.79 1.08
C ARG C 70 -8.01 12.79 2.50
N GLY C 71 -6.87 12.14 2.71
CA GLY C 71 -6.29 12.13 4.04
C GLY C 71 -5.34 10.97 4.29
N HIS C 72 -5.63 9.82 3.70
CA HIS C 72 -4.72 8.70 3.86
C HIS C 72 -3.49 8.92 2.99
N LEU C 73 -2.33 8.49 3.50
CA LEU C 73 -1.07 8.59 2.79
C LEU C 73 -0.57 7.24 2.32
N ALA C 74 -1.42 6.21 2.37
CA ALA C 74 -1.01 4.86 2.04
C ALA C 74 -2.20 4.10 1.49
N LYS C 75 -1.91 2.93 0.92
CA LYS C 75 -2.95 2.09 0.37
C LYS C 75 -4.04 1.83 1.41
N ILE C 76 -5.28 2.00 0.98
CA ILE C 76 -6.44 1.75 1.83
C ILE C 76 -6.82 0.29 1.68
N TYR C 77 -6.96 -0.41 2.81
CA TYR C 77 -7.32 -1.82 2.75
C TYR C 77 -8.74 -2.14 3.20
N ALA C 78 -9.36 -1.29 4.02
CA ALA C 78 -10.68 -1.58 4.56
C ALA C 78 -11.52 -0.32 4.65
N MET C 79 -12.82 -0.50 4.53
CA MET C 79 -13.82 0.56 4.65
C MET C 79 -15.12 -0.07 5.12
N HIS C 80 -15.91 0.69 5.87
CA HIS C 80 -17.24 0.20 6.25
C HIS C 80 -18.16 1.37 6.55
N TRP C 81 -19.41 1.24 6.11
CA TRP C 81 -20.47 2.21 6.38
C TRP C 81 -21.16 1.92 7.70
N GLY C 82 -21.47 2.97 8.44
CA GLY C 82 -22.28 2.84 9.64
C GLY C 82 -23.75 2.74 9.30
N THR C 83 -24.55 2.56 10.35
CA THR C 83 -25.98 2.37 10.13
C THR C 83 -26.72 3.67 9.88
N ASP C 84 -26.08 4.82 10.08
CA ASP C 84 -26.73 6.10 9.82
C ASP C 84 -26.50 6.61 8.41
N SER C 85 -25.79 5.85 7.58
CA SER C 85 -25.48 6.23 6.20
C SER C 85 -24.65 7.50 6.10
N ARG C 86 -24.14 8.01 7.24
CA ARG C 86 -23.39 9.26 7.26
C ARG C 86 -21.93 9.08 7.67
N LEU C 87 -21.63 8.25 8.65
CA LEU C 87 -20.27 8.10 9.13
C LEU C 87 -19.62 6.89 8.46
N LEU C 88 -18.52 7.14 7.77
CA LEU C 88 -17.75 6.15 7.03
C LEU C 88 -16.44 5.90 7.77
N VAL C 89 -16.03 4.65 7.91
CA VAL C 89 -14.76 4.36 8.57
C VAL C 89 -13.86 3.67 7.56
N SER C 90 -12.57 4.03 7.58
CA SER C 90 -11.60 3.42 6.67
C SER C 90 -10.28 3.20 7.40
N ALA C 91 -9.47 2.30 6.85
CA ALA C 91 -8.15 2.00 7.41
C ALA C 91 -7.15 1.78 6.27
N SER C 92 -5.91 2.20 6.51
CA SER C 92 -4.87 2.13 5.49
C SER C 92 -3.55 1.73 6.14
N GLN C 93 -2.53 1.52 5.29
CA GLN C 93 -1.21 1.10 5.73
C GLN C 93 -0.52 2.16 6.60
N ASP C 94 -1.09 3.36 6.69
CA ASP C 94 -0.55 4.39 7.56
C ASP C 94 -0.67 4.02 9.03
N GLY C 95 -1.59 3.11 9.36
CA GLY C 95 -1.83 2.77 10.74
C GLY C 95 -2.78 3.73 11.41
N LYS C 96 -3.67 4.35 10.64
CA LYS C 96 -4.65 5.29 11.16
C LYS C 96 -6.03 4.89 10.66
N LEU C 97 -6.94 4.70 11.60
CA LEU C 97 -8.32 4.35 11.32
C LEU C 97 -9.09 5.67 11.37
N ILE C 98 -9.69 6.07 10.26
CA ILE C 98 -10.29 7.39 10.16
C ILE C 98 -11.79 7.29 9.96
N ILE C 99 -12.53 8.08 10.74
CA ILE C 99 -13.98 8.19 10.65
C ILE C 99 -14.28 9.52 10.00
N TRP C 100 -14.98 9.45 8.87
CA TRP C 100 -15.30 10.56 7.97
C TRP C 100 -16.79 10.86 8.03
N ASP C 101 -17.13 12.14 7.93
CA ASP C 101 -18.50 12.59 7.74
C ASP C 101 -18.72 12.64 6.23
N SER C 102 -19.48 11.68 5.69
CA SER C 102 -19.63 11.55 4.24
C SER C 102 -20.36 12.71 3.58
N TYR C 103 -21.04 13.57 4.34
CA TYR C 103 -21.77 14.66 3.70
C TYR C 103 -20.97 15.94 3.55
N THR C 104 -20.02 16.19 4.44
CA THR C 104 -19.27 17.43 4.45
C THR C 104 -17.79 17.25 4.13
N THR C 105 -17.29 16.01 4.18
CA THR C 105 -15.90 15.57 4.02
C THR C 105 -15.14 15.86 5.30
N ASN C 106 -15.79 16.41 6.32
CA ASN C 106 -15.11 16.71 7.56
C ASN C 106 -14.64 15.42 8.20
N LYS C 107 -13.43 15.42 8.74
CA LYS C 107 -13.00 14.27 9.49
C LYS C 107 -13.57 14.35 10.89
N VAL C 108 -13.99 13.22 11.42
CA VAL C 108 -14.55 13.13 12.76
C VAL C 108 -13.56 12.52 13.73
N HIS C 109 -12.94 11.40 13.34
CA HIS C 109 -11.96 10.77 14.21
C HIS C 109 -10.77 10.26 13.41
N ALA C 110 -9.62 10.19 14.09
CA ALA C 110 -8.44 9.54 13.56
C ALA C 110 -7.83 8.78 14.73
N ILE C 111 -7.79 7.46 14.61
CA ILE C 111 -7.38 6.55 15.66
C ILE C 111 -6.03 5.94 15.28
N PRO C 112 -4.96 6.23 16.02
CA PRO C 112 -3.68 5.60 15.67
C PRO C 112 -3.75 4.13 16.05
N LEU C 113 -3.07 3.29 15.27
CA LEU C 113 -3.06 1.87 15.59
C LEU C 113 -1.71 1.44 16.15
N ARG C 114 -1.75 0.41 17.00
CA ARG C 114 -0.55 -0.15 17.59
C ARG C 114 0.26 -0.94 16.56
N SER C 115 -0.38 -1.34 15.46
CA SER C 115 0.25 -2.06 14.36
C SER C 115 -0.33 -1.48 13.08
N SER C 116 0.56 -1.07 12.17
CA SER C 116 0.11 -0.47 10.92
C SER C 116 -0.32 -1.49 9.89
N TRP C 117 -0.10 -2.78 10.12
CA TRP C 117 -0.41 -3.79 9.12
C TRP C 117 -1.89 -4.19 9.24
N VAL C 118 -2.75 -3.28 8.82
CA VAL C 118 -4.19 -3.42 8.98
C VAL C 118 -4.79 -3.85 7.64
N MET C 119 -5.68 -4.83 7.68
CA MET C 119 -6.33 -5.34 6.47
C MET C 119 -7.85 -5.32 6.54
N THR C 120 -8.46 -5.24 7.71
CA THR C 120 -9.91 -5.27 7.82
C THR C 120 -10.37 -4.28 8.88
N CYS C 121 -11.58 -3.78 8.73
CA CYS C 121 -12.20 -2.94 9.74
C CYS C 121 -13.70 -3.10 9.65
N ALA C 122 -14.38 -2.64 10.69
CA ALA C 122 -15.83 -2.70 10.75
C ALA C 122 -16.33 -1.58 11.65
N TYR C 123 -17.60 -1.23 11.48
CA TYR C 123 -18.26 -0.22 12.28
C TYR C 123 -19.43 -0.90 12.98
N ALA C 124 -19.54 -0.70 14.29
CA ALA C 124 -20.63 -1.31 15.03
C ALA C 124 -21.98 -0.74 14.60
N PRO C 125 -23.04 -1.55 14.61
CA PRO C 125 -24.35 -1.04 14.21
C PRO C 125 -24.89 0.02 15.14
N SER C 126 -24.39 0.10 16.37
CA SER C 126 -24.86 1.07 17.35
C SER C 126 -24.13 2.40 17.23
N GLY C 127 -23.00 2.45 16.53
CA GLY C 127 -22.20 3.66 16.45
C GLY C 127 -21.27 3.85 17.62
N ASN C 128 -21.22 2.90 18.55
CA ASN C 128 -20.40 3.01 19.74
C ASN C 128 -18.99 2.43 19.59
N TYR C 129 -18.79 1.46 18.70
CA TYR C 129 -17.50 0.79 18.59
C TYR C 129 -17.06 0.63 17.14
N VAL C 130 -15.74 0.55 16.97
CA VAL C 130 -15.09 0.20 15.72
C VAL C 130 -14.10 -0.91 15.99
N ALA C 131 -13.68 -1.59 14.93
CA ALA C 131 -12.72 -2.67 15.08
C ALA C 131 -11.78 -2.71 13.90
N CYS C 132 -10.60 -3.27 14.13
CA CYS C 132 -9.63 -3.43 13.05
C CYS C 132 -8.66 -4.54 13.42
N GLY C 133 -7.90 -4.97 12.43
CA GLY C 133 -6.86 -5.95 12.65
C GLY C 133 -6.14 -6.25 11.36
N GLY C 134 -5.13 -7.12 11.47
CA GLY C 134 -4.38 -7.51 10.29
C GLY C 134 -3.32 -8.55 10.55
N LEU C 135 -2.08 -8.22 10.19
CA LEU C 135 -1.00 -9.19 10.17
C LEU C 135 -0.43 -9.47 11.56
N ASP C 136 -0.87 -8.73 12.57
CA ASP C 136 -0.40 -8.98 13.93
C ASP C 136 -1.25 -10.00 14.67
N ASN C 137 -2.28 -10.54 14.02
CA ASN C 137 -3.16 -11.58 14.55
C ASN C 137 -4.00 -11.14 15.74
N ILE C 138 -4.12 -9.84 16.00
CA ILE C 138 -4.91 -9.33 17.12
C ILE C 138 -6.06 -8.51 16.59
N CYS C 139 -7.27 -8.75 17.10
CA CYS C 139 -8.42 -7.92 16.71
C CYS C 139 -8.60 -6.83 17.76
N SER C 140 -8.51 -5.57 17.35
CA SER C 140 -8.60 -4.47 18.29
C SER C 140 -9.97 -3.80 18.20
N ILE C 141 -10.64 -3.67 19.35
CA ILE C 141 -11.96 -3.05 19.44
C ILE C 141 -11.76 -1.70 20.13
N TYR C 142 -12.26 -0.64 19.49
CA TYR C 142 -12.15 0.72 19.99
C TYR C 142 -13.52 1.25 20.39
N ASN C 143 -13.55 2.04 21.46
CA ASN C 143 -14.75 2.67 21.99
C ASN C 143 -14.84 4.11 21.49
N LEU C 144 -15.84 4.39 20.66
CA LEU C 144 -15.98 5.71 20.05
C LEU C 144 -16.79 6.69 20.89
N LYS C 145 -17.42 6.24 21.97
CA LYS C 145 -18.26 7.10 22.79
C LYS C 145 -17.69 7.14 24.19
N THR C 146 -16.84 8.13 24.44
CA THR C 146 -16.11 8.22 25.69
C THR C 146 -16.36 9.57 26.34
N ARG C 147 -15.98 9.67 27.62
CA ARG C 147 -16.17 10.94 28.36
C ARG C 147 -15.02 11.90 28.02
N GLU C 148 -13.83 11.36 27.75
CA GLU C 148 -12.67 12.20 27.45
C GLU C 148 -12.83 12.89 26.10
N GLY C 149 -13.44 12.21 25.14
CA GLY C 149 -13.58 12.69 23.78
C GLY C 149 -12.54 12.08 22.86
N ASN C 150 -11.60 11.35 23.44
CA ASN C 150 -10.52 10.63 22.77
C ASN C 150 -10.97 9.19 22.57
N VAL C 151 -10.34 8.52 21.61
CA VAL C 151 -10.66 7.13 21.31
C VAL C 151 -9.43 6.30 21.66
N ARG C 152 -9.64 5.27 22.47
CA ARG C 152 -8.63 4.36 22.95
C ARG C 152 -9.07 2.94 22.66
N VAL C 153 -8.11 2.01 22.76
CA VAL C 153 -8.44 0.60 22.59
C VAL C 153 -9.30 0.15 23.76
N SER C 154 -10.43 -0.50 23.46
CA SER C 154 -11.26 -1.02 24.52
C SER C 154 -10.92 -2.46 24.80
N ARG C 155 -10.49 -3.19 23.77
CA ARG C 155 -10.17 -4.59 23.98
C ARG C 155 -9.24 -5.06 22.87
N GLU C 156 -8.41 -6.03 23.19
CA GLU C 156 -7.62 -6.76 22.21
C GLU C 156 -8.01 -8.23 22.29
N LEU C 157 -8.38 -8.79 21.16
CA LEU C 157 -8.80 -10.17 21.06
C LEU C 157 -7.66 -10.99 20.48
N ALA C 158 -6.99 -11.75 21.34
CA ALA C 158 -5.84 -12.57 21.02
C ALA C 158 -6.25 -14.03 21.05
N GLY C 159 -5.56 -14.84 20.25
CA GLY C 159 -5.87 -16.25 20.19
C GLY C 159 -5.85 -16.81 18.79
N HIS C 160 -5.81 -15.93 17.80
CA HIS C 160 -5.66 -16.36 16.42
C HIS C 160 -4.20 -16.69 16.14
N THR C 161 -3.98 -17.57 15.17
CA THR C 161 -2.63 -17.99 14.81
C THR C 161 -2.30 -17.61 13.38
N GLY C 162 -3.01 -16.63 12.84
CA GLY C 162 -2.81 -16.16 11.48
C GLY C 162 -3.43 -14.79 11.37
N TYR C 163 -3.26 -14.19 10.20
CA TYR C 163 -3.71 -12.82 10.01
C TYR C 163 -5.23 -12.75 9.96
N LEU C 164 -5.78 -11.60 10.35
CA LEU C 164 -7.21 -11.34 10.31
C LEU C 164 -7.61 -10.80 8.94
N SER C 165 -8.50 -11.53 8.26
CA SER C 165 -8.97 -11.13 6.94
C SER C 165 -10.28 -10.36 6.97
N CYS C 166 -11.11 -10.53 8.00
CA CYS C 166 -12.39 -9.83 8.07
C CYS C 166 -12.89 -9.83 9.52
N CYS C 167 -13.41 -8.69 9.96
CA CYS C 167 -14.06 -8.55 11.26
C CYS C 167 -15.41 -7.90 11.03
N ARG C 168 -16.46 -8.46 11.64
CA ARG C 168 -17.81 -7.92 11.54
C ARG C 168 -18.52 -8.04 12.87
N PHE C 169 -19.17 -6.96 13.30
CA PHE C 169 -19.87 -6.97 14.58
C PHE C 169 -21.28 -7.55 14.45
N LEU C 170 -21.66 -8.36 15.44
CA LEU C 170 -23.05 -8.83 15.54
C LEU C 170 -23.83 -7.88 16.44
N ASP C 171 -23.18 -7.45 17.52
CA ASP C 171 -23.77 -6.58 18.53
C ASP C 171 -22.60 -5.91 19.26
N ASP C 172 -22.93 -5.05 20.21
CA ASP C 172 -21.89 -4.35 20.96
C ASP C 172 -20.96 -5.30 21.71
N ASN C 173 -21.48 -6.43 22.20
CA ASN C 173 -20.66 -7.36 22.98
C ASN C 173 -20.23 -8.62 22.23
N GLN C 174 -20.44 -8.70 20.92
CA GLN C 174 -20.08 -9.91 20.17
C GLN C 174 -19.52 -9.55 18.81
N ILE C 175 -18.37 -10.15 18.46
CA ILE C 175 -17.75 -9.90 17.16
C ILE C 175 -17.33 -11.22 16.53
N VAL C 176 -17.45 -11.31 15.20
CA VAL C 176 -17.03 -12.48 14.45
C VAL C 176 -15.75 -12.12 13.70
N THR C 177 -14.73 -12.94 13.85
CA THR C 177 -13.44 -12.76 13.21
C THR C 177 -13.16 -13.94 12.29
N SER C 178 -12.25 -13.72 11.34
CA SER C 178 -11.82 -14.77 10.42
C SER C 178 -10.34 -14.60 10.18
N SER C 179 -9.57 -15.68 10.25
CA SER C 179 -8.14 -15.51 10.10
C SER C 179 -7.50 -16.48 9.11
N GLY C 180 -6.23 -16.19 8.80
CA GLY C 180 -5.38 -17.03 7.98
C GLY C 180 -4.81 -18.17 8.81
N ASP C 181 -5.72 -18.85 9.49
CA ASP C 181 -5.47 -19.99 10.35
C ASP C 181 -6.55 -21.04 10.14
N THR C 182 -7.19 -20.99 8.98
CA THR C 182 -8.29 -21.86 8.57
C THR C 182 -9.41 -21.92 9.60
N THR C 183 -9.76 -20.77 10.18
CA THR C 183 -10.85 -20.79 11.15
C THR C 183 -11.43 -19.39 11.32
N CYS C 184 -12.67 -19.37 11.79
CA CYS C 184 -13.42 -18.19 12.18
C CYS C 184 -13.74 -18.30 13.65
N ALA C 185 -14.03 -17.19 14.31
CA ALA C 185 -14.41 -17.33 15.71
C ALA C 185 -15.39 -16.25 16.13
N LEU C 186 -16.23 -16.61 17.10
CA LEU C 186 -17.17 -15.70 17.72
C LEU C 186 -16.58 -15.32 19.08
N TRP C 187 -16.31 -14.03 19.24
CA TRP C 187 -15.66 -13.44 20.40
C TRP C 187 -16.65 -12.67 21.25
N ASP C 188 -16.47 -12.77 22.56
CA ASP C 188 -17.18 -11.98 23.57
C ASP C 188 -16.31 -10.76 23.87
N ILE C 189 -16.74 -9.59 23.42
CA ILE C 189 -15.91 -8.39 23.54
C ILE C 189 -15.71 -8.01 25.00
N GLU C 190 -16.77 -8.06 25.81
CA GLU C 190 -16.64 -7.63 27.21
C GLU C 190 -15.70 -8.54 27.99
N THR C 191 -15.72 -9.85 27.72
CA THR C 191 -14.83 -10.76 28.43
C THR C 191 -13.44 -10.83 27.81
N GLY C 192 -13.35 -10.65 26.50
CA GLY C 192 -12.08 -10.74 25.81
C GLY C 192 -11.62 -12.16 25.54
N GLN C 193 -12.53 -13.08 25.31
CA GLN C 193 -12.21 -14.48 25.07
C GLN C 193 -13.08 -15.01 23.95
N GLN C 194 -12.61 -16.07 23.32
CA GLN C 194 -13.43 -16.75 22.33
C GLN C 194 -14.51 -17.54 23.04
N THR C 195 -15.72 -17.49 22.48
CA THR C 195 -16.80 -18.30 23.00
C THR C 195 -17.20 -19.38 22.03
N THR C 196 -17.00 -19.15 20.73
CA THR C 196 -17.36 -20.15 19.75
C THR C 196 -16.30 -20.16 18.67
N THR C 197 -15.94 -21.33 18.16
CA THR C 197 -15.01 -21.35 17.03
C THR C 197 -15.69 -22.05 15.87
N PHE C 198 -15.28 -21.68 14.66
CA PHE C 198 -15.83 -22.25 13.44
C PHE C 198 -14.68 -22.85 12.64
N THR C 199 -14.66 -24.18 12.56
CA THR C 199 -13.60 -24.91 11.90
C THR C 199 -14.19 -25.72 10.74
N GLY C 200 -13.30 -26.22 9.89
CA GLY C 200 -13.72 -26.99 8.73
C GLY C 200 -13.08 -26.52 7.45
N HIS C 201 -12.46 -25.34 7.49
CA HIS C 201 -11.75 -24.81 6.35
C HIS C 201 -10.37 -25.46 6.26
N THR C 202 -9.82 -25.51 5.04
CA THR C 202 -8.48 -26.03 4.87
C THR C 202 -7.49 -24.95 4.48
N GLY C 203 -7.93 -23.93 3.74
CA GLY C 203 -7.07 -22.86 3.30
C GLY C 203 -7.35 -21.63 4.15
N ASP C 204 -6.59 -20.56 3.87
CA ASP C 204 -6.84 -19.33 4.60
C ASP C 204 -8.24 -18.82 4.28
N VAL C 205 -8.91 -18.23 5.26
CA VAL C 205 -10.25 -17.69 5.04
C VAL C 205 -10.10 -16.20 4.78
N MET C 206 -10.70 -15.73 3.68
CA MET C 206 -10.54 -14.36 3.22
C MET C 206 -11.60 -13.37 3.64
N SER C 207 -12.87 -13.78 3.80
CA SER C 207 -13.88 -12.78 4.07
C SER C 207 -15.08 -13.37 4.81
N LEU C 208 -15.80 -12.49 5.50
CA LEU C 208 -17.03 -12.79 6.21
C LEU C 208 -18.13 -11.84 5.78
N SER C 209 -19.37 -12.32 5.89
CA SER C 209 -20.55 -11.50 5.71
C SER C 209 -21.61 -12.03 6.67
N LEU C 210 -22.29 -11.13 7.37
CA LEU C 210 -23.31 -11.48 8.35
C LEU C 210 -24.71 -11.35 7.76
N ALA C 211 -25.58 -12.27 8.17
CA ALA C 211 -26.96 -12.23 7.74
C ALA C 211 -27.69 -11.05 8.36
N PRO C 212 -28.72 -10.52 7.69
CA PRO C 212 -29.51 -9.43 8.28
C PRO C 212 -30.03 -9.70 9.69
N ASP C 213 -30.31 -10.95 10.04
CA ASP C 213 -30.84 -11.26 11.37
C ASP C 213 -29.77 -11.65 12.39
N THR C 214 -28.49 -11.57 12.03
CA THR C 214 -27.34 -11.89 12.88
C THR C 214 -27.21 -13.36 13.27
N ARG C 215 -28.13 -14.24 12.88
CA ARG C 215 -28.06 -15.62 13.32
C ARG C 215 -27.16 -16.51 12.47
N LEU C 216 -26.93 -16.15 11.21
CA LEU C 216 -26.13 -16.92 10.30
C LEU C 216 -25.04 -16.04 9.70
N PHE C 217 -23.93 -16.64 9.30
CA PHE C 217 -22.94 -15.87 8.55
C PHE C 217 -22.29 -16.78 7.53
N VAL C 218 -21.60 -16.18 6.57
CA VAL C 218 -20.88 -16.96 5.58
C VAL C 218 -19.42 -16.56 5.58
N SER C 219 -18.60 -17.47 5.05
CA SER C 219 -17.18 -17.22 4.89
C SER C 219 -16.72 -17.76 3.56
N GLY C 220 -15.69 -17.10 3.02
CA GLY C 220 -15.08 -17.56 1.77
C GLY C 220 -13.68 -18.00 2.08
N ALA C 221 -13.17 -19.00 1.36
CA ALA C 221 -11.87 -19.58 1.72
C ALA C 221 -10.98 -19.69 0.49
N CYS C 222 -9.68 -19.84 0.70
CA CYS C 222 -8.71 -20.02 -0.40
C CYS C 222 -9.11 -21.30 -1.15
N ASP C 223 -9.60 -22.30 -0.44
CA ASP C 223 -10.01 -23.59 -1.06
C ASP C 223 -11.22 -23.34 -1.95
N ALA C 224 -11.71 -22.10 -2.03
CA ALA C 224 -12.91 -21.74 -2.82
C ALA C 224 -14.23 -22.38 -2.35
N SER C 225 -14.25 -23.03 -1.20
CA SER C 225 -15.51 -23.55 -0.66
C SER C 225 -16.08 -22.53 0.33
N ALA C 226 -17.03 -21.69 -0.10
CA ALA C 226 -17.64 -20.80 0.87
C ALA C 226 -18.55 -21.64 1.75
N LYS C 227 -18.71 -21.21 2.99
CA LYS C 227 -19.55 -21.96 3.92
C LYS C 227 -20.56 -21.05 4.60
N LEU C 228 -21.74 -21.62 4.87
CA LEU C 228 -22.77 -21.00 5.68
C LEU C 228 -22.63 -21.60 7.07
N TRP C 229 -22.42 -20.74 8.05
CA TRP C 229 -22.19 -21.07 9.45
C TRP C 229 -23.37 -20.64 10.30
N ASP C 230 -23.69 -21.46 11.30
CA ASP C 230 -24.69 -21.16 12.32
C ASP C 230 -23.99 -20.55 13.53
N VAL C 231 -24.27 -19.28 13.79
CA VAL C 231 -23.57 -18.52 14.83
C VAL C 231 -23.75 -19.16 16.19
N ARG C 232 -24.95 -19.65 16.48
CA ARG C 232 -25.22 -20.18 17.82
C ARG C 232 -24.86 -21.65 17.96
N GLU C 233 -24.95 -22.42 16.88
CA GLU C 233 -24.62 -23.83 16.95
C GLU C 233 -23.11 -24.05 16.98
N GLY C 234 -22.35 -23.22 16.27
CA GLY C 234 -20.92 -23.41 16.19
C GLY C 234 -20.46 -24.40 15.16
N MET C 235 -21.18 -24.55 14.06
CA MET C 235 -20.82 -25.52 13.04
C MET C 235 -21.18 -24.99 11.67
N CYS C 236 -20.56 -25.59 10.66
CA CYS C 236 -20.85 -25.27 9.26
C CYS C 236 -22.11 -25.97 8.81
N ARG C 237 -23.11 -25.20 8.40
CA ARG C 237 -24.36 -25.80 7.99
C ARG C 237 -24.36 -26.14 6.51
N GLN C 238 -23.75 -25.31 5.66
CA GLN C 238 -23.76 -25.61 4.23
C GLN C 238 -22.43 -25.28 3.58
N THR C 239 -21.96 -26.13 2.67
CA THR C 239 -20.76 -25.85 1.90
C THR C 239 -21.10 -25.66 0.43
N PHE C 240 -20.63 -24.54 -0.13
CA PHE C 240 -20.84 -24.17 -1.52
C PHE C 240 -19.51 -24.16 -2.24
N THR C 241 -19.53 -24.58 -3.50
CA THR C 241 -18.36 -24.58 -4.37
C THR C 241 -18.75 -23.98 -5.72
N GLY C 242 -17.75 -23.72 -6.55
CA GLY C 242 -18.00 -23.17 -7.87
C GLY C 242 -16.82 -22.43 -8.44
N HIS C 243 -16.07 -21.75 -7.58
CA HIS C 243 -14.87 -21.05 -8.01
C HIS C 243 -13.71 -22.03 -8.13
N GLU C 244 -12.72 -21.65 -8.94
CA GLU C 244 -11.52 -22.44 -9.08
C GLU C 244 -10.35 -21.91 -8.25
N SER C 245 -10.29 -20.60 -8.04
CA SER C 245 -9.21 -19.98 -7.28
C SER C 245 -9.75 -19.40 -5.98
N ASP C 246 -8.89 -18.70 -5.25
CA ASP C 246 -9.24 -18.16 -3.95
C ASP C 246 -10.41 -17.18 -4.04
N ILE C 247 -11.29 -17.23 -3.05
CA ILE C 247 -12.40 -16.29 -2.96
C ILE C 247 -11.95 -15.11 -2.11
N ASN C 248 -12.06 -13.90 -2.66
CA ASN C 248 -11.56 -12.72 -1.96
C ASN C 248 -12.63 -11.89 -1.27
N ALA C 249 -13.88 -11.96 -1.70
CA ALA C 249 -14.92 -11.13 -1.10
C ALA C 249 -16.24 -11.90 -1.11
N ILE C 250 -17.06 -11.65 -0.10
CA ILE C 250 -18.37 -12.27 0.01
C ILE C 250 -19.33 -11.27 0.65
N CYS C 251 -20.59 -11.34 0.25
CA CYS C 251 -21.63 -10.50 0.83
C CYS C 251 -22.96 -11.22 0.75
N PHE C 252 -23.92 -10.74 1.54
CA PHE C 252 -25.29 -11.27 1.53
C PHE C 252 -26.25 -10.44 0.70
N PHE C 253 -27.18 -11.14 0.07
CA PHE C 253 -28.29 -10.49 -0.60
C PHE C 253 -29.18 -9.86 0.48
N PRO C 254 -29.69 -8.66 0.27
CA PRO C 254 -30.45 -7.97 1.31
C PRO C 254 -31.54 -8.79 2.02
N ASN C 255 -32.17 -9.77 1.38
CA ASN C 255 -33.21 -10.48 2.11
C ASN C 255 -32.68 -11.65 2.93
N GLY C 256 -31.37 -11.90 2.92
CA GLY C 256 -30.77 -12.92 3.74
C GLY C 256 -30.83 -14.33 3.20
N ASN C 257 -31.45 -14.55 2.04
CA ASN C 257 -31.58 -15.88 1.49
C ASN C 257 -30.58 -16.17 0.38
N ALA C 258 -29.66 -15.24 0.10
CA ALA C 258 -28.73 -15.41 -1.00
C ALA C 258 -27.47 -14.63 -0.70
N PHE C 259 -26.38 -15.04 -1.34
CA PHE C 259 -25.10 -14.38 -1.16
C PHE C 259 -24.32 -14.45 -2.47
N ALA C 260 -23.28 -13.63 -2.55
CA ALA C 260 -22.45 -13.62 -3.74
C ALA C 260 -20.98 -13.56 -3.34
N THR C 261 -20.16 -14.19 -4.15
CA THR C 261 -18.72 -14.26 -3.92
C THR C 261 -17.96 -13.76 -5.14
N GLY C 262 -16.76 -13.25 -4.91
CA GLY C 262 -15.89 -12.85 -5.98
C GLY C 262 -14.57 -13.57 -5.80
N SER C 263 -13.91 -13.89 -6.92
CA SER C 263 -12.67 -14.65 -6.77
C SER C 263 -11.60 -14.15 -7.72
N ASP C 264 -10.43 -14.79 -7.64
CA ASP C 264 -9.27 -14.50 -8.46
C ASP C 264 -9.43 -15.04 -9.88
N ASP C 265 -10.55 -15.66 -10.18
CA ASP C 265 -10.92 -16.17 -11.48
C ASP C 265 -11.64 -15.13 -12.30
N ALA C 266 -11.69 -13.88 -11.80
CA ALA C 266 -12.36 -12.78 -12.48
C ALA C 266 -13.82 -13.13 -12.68
N THR C 267 -14.38 -13.80 -11.68
CA THR C 267 -15.74 -14.28 -11.70
C THR C 267 -16.40 -13.98 -10.37
N CYS C 268 -17.68 -13.62 -10.45
CA CYS C 268 -18.53 -13.45 -9.28
C CYS C 268 -19.67 -14.43 -9.40
N ARG C 269 -20.07 -15.03 -8.28
CA ARG C 269 -21.13 -16.02 -8.33
C ARG C 269 -22.19 -15.73 -7.30
N LEU C 270 -23.45 -15.93 -7.68
CA LEU C 270 -24.59 -15.76 -6.79
C LEU C 270 -25.16 -17.12 -6.45
N PHE C 271 -25.34 -17.37 -5.14
CA PHE C 271 -25.84 -18.60 -4.55
C PHE C 271 -27.06 -18.30 -3.71
N ASP C 272 -27.97 -19.27 -3.63
CA ASP C 272 -29.16 -19.19 -2.78
C ASP C 272 -29.08 -20.25 -1.68
N LEU C 273 -29.17 -19.81 -0.42
CA LEU C 273 -28.99 -20.71 0.70
C LEU C 273 -30.09 -21.77 0.80
N ARG C 274 -31.32 -21.46 0.37
CA ARG C 274 -32.36 -22.47 0.55
C ARG C 274 -32.36 -23.46 -0.60
N ALA C 275 -31.96 -23.00 -1.78
CA ALA C 275 -31.85 -23.89 -2.93
C ALA C 275 -30.61 -24.75 -2.81
N ASP C 276 -29.60 -24.26 -2.07
CA ASP C 276 -28.31 -24.92 -1.94
C ASP C 276 -27.67 -25.01 -3.32
N GLN C 277 -27.81 -23.95 -4.09
CA GLN C 277 -27.36 -23.94 -5.47
C GLN C 277 -26.71 -22.62 -5.85
N GLU C 278 -25.87 -22.70 -6.87
CA GLU C 278 -25.37 -21.50 -7.52
C GLU C 278 -26.44 -21.05 -8.50
N LEU C 279 -26.83 -19.79 -8.40
CA LEU C 279 -27.90 -19.29 -9.25
C LEU C 279 -27.36 -18.57 -10.48
N MET C 280 -26.24 -17.86 -10.36
CA MET C 280 -25.82 -17.08 -11.51
C MET C 280 -24.31 -16.85 -11.50
N THR C 281 -23.72 -16.82 -12.68
CA THR C 281 -22.30 -16.53 -12.84
C THR C 281 -22.13 -15.19 -13.57
N TYR C 282 -21.30 -14.33 -13.00
CA TYR C 282 -21.00 -13.01 -13.52
C TYR C 282 -19.56 -13.02 -14.03
N SER C 283 -19.39 -12.86 -15.34
CA SER C 283 -18.07 -12.87 -15.95
C SER C 283 -18.15 -12.07 -17.24
N HIS C 284 -16.99 -11.71 -17.78
CA HIS C 284 -16.94 -10.98 -19.03
C HIS C 284 -15.60 -11.24 -19.71
N ASP C 285 -15.65 -11.26 -21.04
CA ASP C 285 -14.46 -11.53 -21.85
C ASP C 285 -13.32 -10.54 -21.60
N ASN C 286 -13.65 -9.30 -21.27
CA ASN C 286 -12.62 -8.27 -21.08
C ASN C 286 -12.16 -8.11 -19.64
N ILE C 287 -12.59 -8.97 -18.73
CA ILE C 287 -12.17 -8.89 -17.34
C ILE C 287 -11.14 -9.98 -17.06
N ILE C 288 -9.89 -9.57 -16.87
CA ILE C 288 -8.79 -10.51 -16.62
C ILE C 288 -8.14 -10.22 -15.28
N CYS C 289 -8.77 -9.38 -14.48
CA CYS C 289 -8.36 -8.94 -13.15
C CYS C 289 -9.29 -9.60 -12.13
N GLY C 290 -8.79 -9.84 -10.93
CA GLY C 290 -9.63 -10.50 -9.95
C GLY C 290 -10.53 -9.52 -9.22
N ILE C 291 -11.38 -10.09 -8.37
CA ILE C 291 -12.33 -9.33 -7.57
C ILE C 291 -11.81 -9.15 -6.15
N THR C 292 -11.83 -7.90 -5.66
CA THR C 292 -11.36 -7.56 -4.33
C THR C 292 -12.49 -7.21 -3.36
N SER C 293 -13.66 -6.84 -3.87
CA SER C 293 -14.78 -6.45 -3.02
C SER C 293 -16.08 -6.70 -3.78
N VAL C 294 -17.12 -7.12 -3.05
CA VAL C 294 -18.46 -7.35 -3.61
C VAL C 294 -19.50 -6.73 -2.68
N SER C 295 -20.52 -6.07 -3.27
CA SER C 295 -21.61 -5.51 -2.48
C SER C 295 -22.90 -5.48 -3.31
N PHE C 296 -24.02 -5.38 -2.60
CA PHE C 296 -25.34 -5.28 -3.19
C PHE C 296 -26.02 -3.96 -2.84
N SER C 297 -26.92 -3.51 -3.72
CA SER C 297 -27.74 -2.35 -3.46
C SER C 297 -28.87 -2.72 -2.50
N LYS C 298 -29.56 -1.70 -1.97
CA LYS C 298 -30.64 -1.95 -1.01
C LYS C 298 -31.69 -2.92 -1.54
N SER C 299 -32.09 -2.76 -2.79
CA SER C 299 -33.08 -3.66 -3.38
C SER C 299 -32.48 -4.99 -3.80
N GLY C 300 -31.16 -5.10 -3.85
CA GLY C 300 -30.51 -6.30 -4.30
C GLY C 300 -30.44 -6.43 -5.81
N ARG C 301 -30.98 -5.43 -6.53
CA ARG C 301 -31.01 -5.45 -7.98
C ARG C 301 -29.63 -5.24 -8.57
N LEU C 302 -28.80 -4.43 -7.93
CA LEU C 302 -27.46 -4.17 -8.42
C LEU C 302 -26.43 -4.92 -7.58
N LEU C 303 -25.43 -5.45 -8.27
CA LEU C 303 -24.28 -6.11 -7.68
C LEU C 303 -23.05 -5.31 -8.04
N LEU C 304 -22.24 -4.94 -7.08
CA LEU C 304 -21.07 -4.14 -7.38
C LEU C 304 -19.84 -4.96 -7.07
N ALA C 305 -18.80 -4.85 -7.90
CA ALA C 305 -17.57 -5.55 -7.58
C ALA C 305 -16.36 -4.71 -7.94
N GLY C 306 -15.37 -4.72 -7.05
CA GLY C 306 -14.14 -3.98 -7.28
C GLY C 306 -13.14 -4.92 -7.94
N TYR C 307 -12.36 -4.37 -8.86
CA TYR C 307 -11.42 -5.16 -9.63
C TYR C 307 -10.01 -4.57 -9.60
N ASP C 308 -9.05 -5.41 -9.99
CA ASP C 308 -7.62 -5.11 -10.08
C ASP C 308 -7.24 -4.24 -11.26
N ASP C 309 -8.19 -3.82 -12.10
CA ASP C 309 -7.92 -2.96 -13.24
C ASP C 309 -8.27 -1.51 -12.93
N PHE C 310 -8.37 -1.19 -11.64
CA PHE C 310 -8.59 0.15 -11.12
C PHE C 310 -10.00 0.68 -11.38
N ASN C 311 -10.99 -0.20 -11.39
CA ASN C 311 -12.37 0.24 -11.53
C ASN C 311 -13.28 -0.70 -10.74
N CYS C 312 -14.56 -0.36 -10.73
CA CYS C 312 -15.60 -1.16 -10.09
C CYS C 312 -16.75 -1.33 -11.06
N ASN C 313 -17.12 -2.56 -11.35
CA ASN C 313 -18.21 -2.78 -12.28
C ASN C 313 -19.53 -2.90 -11.52
N VAL C 314 -20.57 -2.31 -12.11
CA VAL C 314 -21.92 -2.41 -11.58
C VAL C 314 -22.67 -3.34 -12.50
N TRP C 315 -23.08 -4.47 -11.95
CA TRP C 315 -23.76 -5.57 -12.61
C TRP C 315 -25.24 -5.52 -12.26
N ASP C 316 -26.07 -5.95 -13.20
CA ASP C 316 -27.49 -6.12 -12.92
C ASP C 316 -27.61 -7.53 -12.35
N ALA C 317 -27.90 -7.61 -11.05
CA ALA C 317 -27.84 -8.87 -10.32
C ALA C 317 -28.85 -9.88 -10.83
N LEU C 318 -29.87 -9.46 -11.56
CA LEU C 318 -30.84 -10.39 -12.08
C LEU C 318 -30.63 -10.70 -13.57
N LYS C 319 -29.64 -10.08 -14.21
CA LYS C 319 -29.42 -10.26 -15.63
C LYS C 319 -28.08 -10.87 -16.00
N ALA C 320 -27.08 -10.82 -15.10
CA ALA C 320 -25.71 -11.23 -15.41
C ALA C 320 -25.13 -10.39 -16.54
N ASP C 321 -25.35 -9.08 -16.48
CA ASP C 321 -24.83 -8.17 -17.48
C ASP C 321 -24.26 -6.95 -16.75
N ARG C 322 -23.71 -6.04 -17.53
CA ARG C 322 -23.07 -4.84 -17.00
C ARG C 322 -24.03 -3.66 -17.02
N ALA C 323 -24.27 -3.08 -15.86
CA ALA C 323 -25.16 -1.93 -15.77
C ALA C 323 -24.38 -0.64 -15.96
N GLY C 324 -23.13 -0.62 -15.53
CA GLY C 324 -22.32 0.59 -15.63
C GLY C 324 -20.97 0.35 -15.00
N VAL C 325 -20.09 1.34 -15.12
CA VAL C 325 -18.75 1.22 -14.57
C VAL C 325 -18.34 2.49 -13.82
N LEU C 326 -17.76 2.31 -12.64
CA LEU C 326 -17.19 3.38 -11.84
C LEU C 326 -15.68 3.27 -12.05
N ALA C 327 -15.05 4.27 -12.66
CA ALA C 327 -13.63 4.11 -12.97
C ALA C 327 -12.81 5.37 -12.68
N GLY C 328 -12.81 5.81 -11.42
CA GLY C 328 -12.08 6.99 -11.04
C GLY C 328 -10.80 6.73 -10.27
N HIS C 329 -10.37 5.48 -10.16
CA HIS C 329 -9.20 5.13 -9.35
C HIS C 329 -7.94 4.97 -10.19
N ASP C 330 -6.80 5.21 -9.54
CA ASP C 330 -5.49 5.04 -10.14
C ASP C 330 -4.78 3.77 -9.68
N ASN C 331 -5.44 2.93 -8.89
CA ASN C 331 -4.81 1.71 -8.41
C ASN C 331 -5.92 0.71 -8.10
N ARG C 332 -5.51 -0.48 -7.66
CA ARG C 332 -6.46 -1.55 -7.42
C ARG C 332 -7.53 -1.13 -6.41
N VAL C 333 -8.78 -1.46 -6.72
CA VAL C 333 -9.85 -1.17 -5.79
C VAL C 333 -9.75 -2.15 -4.63
N SER C 334 -9.83 -1.65 -3.42
CA SER C 334 -9.68 -2.51 -2.26
C SER C 334 -10.96 -2.66 -1.44
N CYS C 335 -11.90 -1.75 -1.54
CA CYS C 335 -13.10 -1.89 -0.73
C CYS C 335 -14.27 -1.19 -1.38
N LEU C 336 -15.47 -1.70 -1.07
CA LEU C 336 -16.74 -1.18 -1.52
C LEU C 336 -17.72 -1.19 -0.37
N GLY C 337 -18.71 -0.32 -0.44
CA GLY C 337 -19.83 -0.42 0.49
C GLY C 337 -21.01 0.39 0.03
N VAL C 338 -22.18 0.00 0.50
CA VAL C 338 -23.43 0.67 0.15
C VAL C 338 -24.11 1.07 1.44
N THR C 339 -24.75 2.23 1.45
CA THR C 339 -25.43 2.66 2.65
C THR C 339 -26.66 1.79 2.88
N ASP C 340 -27.16 1.80 4.12
CA ASP C 340 -28.31 0.96 4.41
C ASP C 340 -29.54 1.40 3.62
N ASP C 341 -29.66 2.68 3.34
CA ASP C 341 -30.80 3.18 2.58
C ASP C 341 -30.57 3.19 1.07
N GLY C 342 -29.40 2.77 0.60
CA GLY C 342 -29.12 2.73 -0.82
C GLY C 342 -28.79 4.06 -1.45
N MET C 343 -28.72 5.14 -0.67
CA MET C 343 -28.50 6.46 -1.23
C MET C 343 -27.14 6.66 -1.87
N ALA C 344 -26.09 6.00 -1.37
CA ALA C 344 -24.76 6.25 -1.92
C ALA C 344 -23.91 5.00 -1.88
N VAL C 345 -22.93 4.94 -2.78
CA VAL C 345 -21.97 3.86 -2.84
C VAL C 345 -20.58 4.43 -2.57
N ALA C 346 -19.84 3.81 -1.67
CA ALA C 346 -18.50 4.29 -1.41
C ALA C 346 -17.51 3.28 -1.97
N THR C 347 -16.38 3.80 -2.43
CA THR C 347 -15.27 2.97 -2.87
C THR C 347 -13.99 3.46 -2.22
N GLY C 348 -13.02 2.55 -2.17
CA GLY C 348 -11.69 2.89 -1.73
C GLY C 348 -10.72 1.99 -2.46
N SER C 349 -9.51 2.51 -2.68
CA SER C 349 -8.51 1.78 -3.43
C SER C 349 -7.12 2.04 -2.86
N TRP C 350 -6.13 1.43 -3.49
CA TRP C 350 -4.73 1.53 -3.12
C TRP C 350 -4.11 2.88 -3.45
N ASP C 351 -4.85 3.78 -4.09
CA ASP C 351 -4.31 5.09 -4.42
C ASP C 351 -4.42 6.07 -3.27
N SER C 352 -4.95 5.67 -2.12
CA SER C 352 -5.10 6.42 -0.88
C SER C 352 -6.35 7.28 -0.87
N PHE C 353 -7.19 7.27 -1.90
CA PHE C 353 -8.40 8.08 -1.93
C PHE C 353 -9.64 7.23 -1.69
N LEU C 354 -10.66 7.87 -1.11
CA LEU C 354 -12.00 7.32 -1.03
C LEU C 354 -12.91 8.15 -1.91
N LYS C 355 -13.93 7.51 -2.47
CA LYS C 355 -14.89 8.22 -3.29
C LYS C 355 -16.32 7.84 -2.94
N ILE C 356 -17.22 8.81 -3.01
CA ILE C 356 -18.64 8.58 -2.81
C ILE C 356 -19.32 8.80 -4.14
N TRP C 357 -20.01 7.77 -4.62
CA TRP C 357 -20.68 7.75 -5.91
C TRP C 357 -22.19 7.81 -5.70
N ASN C 358 -22.86 8.54 -6.59
CA ASN C 358 -24.32 8.67 -6.58
C ASN C 358 -24.85 8.68 -8.01
N THR D 6 -2.85 -42.08 13.24
CA THR D 6 -4.27 -42.28 13.01
C THR D 6 -5.01 -40.95 12.91
N ALA D 7 -4.25 -39.85 12.84
CA ALA D 7 -4.86 -38.53 12.71
C ALA D 7 -5.70 -38.43 11.45
N SER D 8 -5.26 -39.10 10.37
CA SER D 8 -6.02 -39.07 9.12
C SER D 8 -7.32 -39.79 9.27
N ILE D 9 -7.43 -40.69 10.25
CA ILE D 9 -8.69 -41.40 10.45
C ILE D 9 -9.67 -40.48 11.15
N ALA D 10 -9.20 -39.78 12.20
CA ALA D 10 -10.07 -38.83 12.88
C ALA D 10 -10.55 -37.75 11.91
N GLN D 11 -9.66 -37.33 11.01
CA GLN D 11 -10.04 -36.32 10.03
C GLN D 11 -11.06 -36.86 9.07
N ALA D 12 -10.90 -38.12 8.63
CA ALA D 12 -11.88 -38.71 7.75
C ALA D 12 -13.22 -38.85 8.45
N ARG D 13 -13.20 -39.15 9.75
CA ARG D 13 -14.44 -39.27 10.50
C ARG D 13 -15.16 -37.93 10.56
N LYS D 14 -14.41 -36.85 10.79
CA LYS D 14 -15.02 -35.53 10.86
C LYS D 14 -15.60 -35.15 9.50
N LEU D 15 -14.89 -35.49 8.43
CA LEU D 15 -15.39 -35.20 7.08
C LEU D 15 -16.66 -35.98 6.80
N VAL D 16 -16.68 -37.26 7.18
CA VAL D 16 -17.86 -38.08 6.95
C VAL D 16 -19.05 -37.55 7.73
N GLU D 17 -18.83 -37.15 8.98
CA GLU D 17 -19.94 -36.62 9.77
C GLU D 17 -20.47 -35.32 9.18
N GLN D 18 -19.56 -34.46 8.69
CA GLN D 18 -20.00 -33.20 8.10
C GLN D 18 -20.80 -33.45 6.83
N LEU D 19 -20.36 -34.41 6.02
CA LEU D 19 -21.09 -34.70 4.79
C LEU D 19 -22.42 -35.36 5.08
N LYS D 20 -22.47 -36.24 6.09
CA LYS D 20 -23.74 -36.87 6.45
C LYS D 20 -24.74 -35.81 6.91
N MET D 21 -24.26 -34.82 7.66
CA MET D 21 -25.17 -33.76 8.09
C MET D 21 -25.69 -32.97 6.90
N GLU D 22 -24.78 -32.53 6.01
CA GLU D 22 -25.21 -31.70 4.90
C GLU D 22 -26.09 -32.46 3.91
N ALA D 23 -25.90 -33.78 3.78
CA ALA D 23 -26.67 -34.60 2.86
C ALA D 23 -28.15 -34.65 3.21
N ASN D 24 -28.54 -34.32 4.43
CA ASN D 24 -29.93 -34.40 4.85
C ASN D 24 -30.60 -33.04 4.96
N ILE D 25 -29.99 -32.01 4.39
CA ILE D 25 -30.58 -30.67 4.36
C ILE D 25 -31.65 -30.62 3.28
N ASP D 26 -32.81 -30.08 3.61
CA ASP D 26 -33.88 -29.98 2.63
C ASP D 26 -33.52 -28.93 1.59
N ARG D 27 -34.12 -29.07 0.41
CA ARG D 27 -33.80 -28.19 -0.70
C ARG D 27 -35.08 -27.80 -1.44
N ILE D 28 -35.03 -26.62 -2.08
CA ILE D 28 -36.10 -26.12 -2.90
C ILE D 28 -35.60 -25.99 -4.34
N LYS D 29 -36.55 -25.84 -5.27
CA LYS D 29 -36.22 -25.69 -6.67
C LYS D 29 -35.54 -24.35 -6.93
N VAL D 30 -34.61 -24.37 -7.89
CA VAL D 30 -33.90 -23.15 -8.27
C VAL D 30 -34.87 -22.11 -8.83
N SER D 31 -35.85 -22.55 -9.62
CA SER D 31 -36.78 -21.59 -10.20
C SER D 31 -37.56 -20.87 -9.11
N LYS D 32 -37.83 -21.55 -8.00
CA LYS D 32 -38.56 -20.90 -6.91
C LYS D 32 -37.66 -19.88 -6.22
N ALA D 33 -36.40 -20.24 -5.96
CA ALA D 33 -35.49 -19.32 -5.30
C ALA D 33 -35.27 -18.09 -6.17
N ALA D 34 -35.15 -18.29 -7.48
CA ALA D 34 -34.96 -17.17 -8.39
C ALA D 34 -36.19 -16.29 -8.42
N ALA D 35 -37.38 -16.90 -8.40
CA ALA D 35 -38.61 -16.11 -8.38
C ALA D 35 -38.71 -15.29 -7.11
N ASP D 36 -38.29 -15.85 -5.97
CA ASP D 36 -38.35 -15.11 -4.72
C ASP D 36 -37.34 -13.96 -4.76
N LEU D 37 -36.17 -14.22 -5.34
CA LEU D 37 -35.13 -13.21 -5.39
C LEU D 37 -35.63 -12.03 -6.22
N MET D 38 -36.26 -12.34 -7.36
CA MET D 38 -36.80 -11.29 -8.21
C MET D 38 -37.92 -10.57 -7.49
N ALA D 39 -38.77 -11.30 -6.78
CA ALA D 39 -39.89 -10.66 -6.11
C ALA D 39 -39.38 -9.63 -5.12
N TYR D 40 -38.30 -9.97 -4.39
CA TYR D 40 -37.71 -9.00 -3.47
C TYR D 40 -37.21 -7.78 -4.21
N CYS D 41 -36.44 -8.01 -5.28
CA CYS D 41 -35.86 -6.88 -6.01
C CYS D 41 -36.95 -5.99 -6.61
N GLU D 42 -38.00 -6.60 -7.15
CA GLU D 42 -39.08 -5.84 -7.77
C GLU D 42 -39.88 -5.07 -6.74
N ALA D 43 -40.18 -5.71 -5.60
CA ALA D 43 -41.00 -5.08 -4.57
C ALA D 43 -40.36 -3.80 -4.05
N HIS D 44 -39.03 -3.78 -3.94
CA HIS D 44 -38.34 -2.60 -3.42
C HIS D 44 -37.60 -1.81 -4.50
N ALA D 45 -37.84 -2.10 -5.78
CA ALA D 45 -37.09 -1.43 -6.83
C ALA D 45 -37.35 0.08 -6.80
N LYS D 46 -38.58 0.47 -6.51
CA LYS D 46 -38.97 1.87 -6.51
C LYS D 46 -38.34 2.64 -5.35
N GLU D 47 -37.83 1.92 -4.35
CA GLU D 47 -37.24 2.47 -3.13
C GLU D 47 -35.72 2.62 -3.21
N ASP D 48 -35.08 2.08 -4.25
CA ASP D 48 -33.62 2.00 -4.32
C ASP D 48 -33.05 3.21 -5.04
N PRO D 49 -32.37 4.12 -4.35
CA PRO D 49 -31.85 5.34 -4.99
C PRO D 49 -30.92 5.12 -6.16
N LEU D 50 -30.38 3.92 -6.35
CA LEU D 50 -29.46 3.68 -7.46
C LEU D 50 -30.18 3.26 -8.73
N LEU D 51 -31.46 2.90 -8.64
CA LEU D 51 -32.28 2.52 -9.77
C LEU D 51 -33.22 3.64 -10.20
N THR D 52 -33.64 4.45 -9.23
CA THR D 52 -34.56 5.58 -9.40
C THR D 52 -33.85 6.80 -8.84
N PRO D 53 -33.12 7.55 -9.68
CA PRO D 53 -32.30 8.66 -9.17
C PRO D 53 -33.12 9.63 -8.33
N VAL D 54 -32.51 10.09 -7.25
CA VAL D 54 -33.14 10.99 -6.28
C VAL D 54 -32.79 12.43 -6.63
N PRO D 55 -33.78 13.32 -6.77
CA PRO D 55 -33.52 14.73 -7.07
C PRO D 55 -32.63 15.41 -6.04
N ALA D 56 -31.90 16.42 -6.50
CA ALA D 56 -30.95 17.14 -5.65
C ALA D 56 -31.61 17.73 -4.41
N SER D 57 -32.89 18.10 -4.50
CA SER D 57 -33.57 18.67 -3.33
C SER D 57 -33.81 17.61 -2.25
N GLU D 58 -33.70 16.33 -2.62
CA GLU D 58 -33.89 15.19 -1.75
C GLU D 58 -32.59 14.44 -1.47
N ASN D 59 -31.67 14.45 -2.42
CA ASN D 59 -30.43 13.70 -2.35
C ASN D 59 -29.39 14.49 -1.56
N PRO D 60 -28.98 14.00 -0.38
CA PRO D 60 -28.10 14.80 0.49
C PRO D 60 -26.71 15.03 -0.07
N PHE D 61 -26.31 14.35 -1.14
CA PHE D 61 -25.00 14.55 -1.73
C PHE D 61 -25.04 15.51 -2.91
N ARG D 62 -26.24 15.87 -3.36
CA ARG D 62 -26.43 16.77 -4.49
C ARG D 62 -26.94 18.15 -4.09
N GLU D 63 -27.67 18.23 -2.98
CA GLU D 63 -28.27 19.47 -2.49
C GLU D 63 -27.32 20.66 -2.49
#